data_7P3E
#
_entry.id   7P3E
#
_cell.length_a   85.802
_cell.length_b   85.802
_cell.length_c   217.564
_cell.angle_alpha   90.000
_cell.angle_beta   90.000
_cell.angle_gamma   120.000
#
_symmetry.space_group_name_H-M   'P 32 1 2'
#
loop_
_entity.id
_entity.type
_entity.pdbx_description
1 polymer 'MHC class I antigen'
2 polymer Beta-2-microglobulin
3 polymer TYR-LEU-GLN-LEU-ARG-THR-PHE-LEU-LEU
4 non-polymer 'IODIDE ION'
5 non-polymer DI(HYDROXYETHYL)ETHER
6 water water
#
loop_
_entity_poly.entity_id
_entity_poly.type
_entity_poly.pdbx_seq_one_letter_code
_entity_poly.pdbx_strand_id
1 'polypeptide(L)'
;GSHSMRYFFTSVSRPGRGEPRFIAVGYVDDTQFVRFDSDAASQRMEPRAPWIEQEGPEYWDGETRKVKAHSQTHRVDLGT
LRGYYNQSEAGSHTVQRMYGCDVGSDWRFLRGYHQYAYDGKDYIALKEDLRSWTAADMAAQTTKHKWEAAHVAEQLRAYL
EGTCVEWLRRYLENGKETLQRTDAPKTHMTHHAVSDHEATLRCWALSFYPAEITLTWQRDGEDQTQDTELVETRPAGDGT
FQKWAAVVVPSGQEQRYTCHVQHEGLPKPLTLRWEP
;
A,D
2 'polypeptide(L)'
;MIQRTPKIQVYSRHPAENGKSNFLNCYVSGFHPSDIEVDLLKNGERIEKVEHSDLSFSKDWSFYLLYYTEFTPTEKDEYA
CRVNHVTLSQPKIVKWDRDM
;
B,E
3 'polypeptide(L)' YLQLRTFLL C,F
#
# COMPACT_ATOMS: atom_id res chain seq x y z
N GLY A 1 5.53 -30.77 -18.18
CA GLY A 1 4.32 -31.05 -18.95
C GLY A 1 3.80 -29.78 -19.59
N SER A 2 2.48 -29.74 -19.79
CA SER A 2 1.75 -28.64 -20.46
C SER A 2 1.99 -27.31 -19.73
N HIS A 3 1.84 -26.21 -20.46
CA HIS A 3 1.74 -24.85 -19.89
C HIS A 3 0.68 -24.10 -20.68
N SER A 4 0.09 -23.09 -20.06
CA SER A 4 -0.87 -22.17 -20.71
C SER A 4 -0.60 -20.74 -20.29
N MET A 5 -0.94 -19.81 -21.17
CA MET A 5 -1.11 -18.39 -20.82
C MET A 5 -2.58 -18.04 -21.07
N ARG A 6 -3.22 -17.39 -20.13
CA ARG A 6 -4.65 -16.99 -20.23
C ARG A 6 -4.83 -15.59 -19.70
N TYR A 7 -5.66 -14.84 -20.42
CA TYR A 7 -6.20 -13.55 -19.98
C TYR A 7 -7.70 -13.69 -19.75
N PHE A 8 -8.14 -13.17 -18.63
CA PHE A 8 -9.55 -13.14 -18.20
C PHE A 8 -9.97 -11.68 -18.07
N PHE A 9 -10.95 -11.29 -18.83
CA PHE A 9 -11.52 -9.91 -18.84
C PHE A 9 -12.96 -9.94 -18.38
N THR A 10 -13.28 -9.15 -17.35
CA THR A 10 -14.65 -8.92 -16.85
C THR A 10 -15.02 -7.43 -17.03
N SER A 11 -16.14 -7.18 -17.68
CA SER A 11 -16.73 -5.83 -17.91
C SER A 11 -18.16 -5.79 -17.35
N VAL A 12 -18.44 -4.96 -16.32
CA VAL A 12 -19.75 -4.91 -15.61
C VAL A 12 -20.36 -3.49 -15.74
N SER A 13 -21.41 -3.32 -16.52
CA SER A 13 -22.17 -2.06 -16.53
C SER A 13 -22.88 -1.97 -15.17
N ARG A 14 -23.05 -0.80 -14.65
CA ARG A 14 -23.57 -0.64 -13.27
C ARG A 14 -25.06 -0.33 -13.35
N PRO A 15 -25.83 -0.64 -12.28
CA PRO A 15 -27.20 -0.16 -12.17
C PRO A 15 -27.19 1.31 -12.62
N GLY A 16 -28.14 1.73 -13.43
CA GLY A 16 -28.19 3.11 -13.94
C GLY A 16 -27.11 3.31 -14.96
N ARG A 17 -26.55 4.51 -15.08
CA ARG A 17 -25.93 5.01 -16.33
C ARG A 17 -24.56 5.66 -16.09
N GLY A 18 -23.75 5.12 -15.17
CA GLY A 18 -22.37 5.57 -14.90
C GLY A 18 -21.33 4.62 -15.49
N GLU A 19 -20.07 4.73 -15.06
CA GLU A 19 -18.89 4.08 -15.69
C GLU A 19 -18.89 2.58 -15.38
N PRO A 20 -18.61 1.69 -16.35
CA PRO A 20 -18.56 0.25 -16.03
C PRO A 20 -17.24 -0.09 -15.31
N ARG A 21 -17.23 -1.17 -14.55
CA ARG A 21 -15.98 -1.75 -14.01
C ARG A 21 -15.33 -2.56 -15.15
N PHE A 22 -14.01 -2.48 -15.24
CA PHE A 22 -13.20 -3.28 -16.16
C PHE A 22 -12.05 -3.87 -15.37
N ILE A 23 -11.91 -5.18 -15.41
CA ILE A 23 -10.75 -5.83 -14.77
C ILE A 23 -10.19 -6.82 -15.78
N ALA A 24 -8.86 -6.83 -15.87
CA ALA A 24 -8.07 -7.76 -16.70
C ALA A 24 -7.04 -8.44 -15.79
N VAL A 25 -6.98 -9.76 -15.86
CA VAL A 25 -5.99 -10.58 -15.10
C VAL A 25 -5.33 -11.53 -16.10
N GLY A 26 -4.02 -11.69 -16.01
CA GLY A 26 -3.26 -12.66 -16.80
C GLY A 26 -2.69 -13.74 -15.89
N TYR A 27 -2.74 -14.98 -16.36
CA TYR A 27 -2.14 -16.16 -15.71
C TYR A 27 -1.15 -16.84 -16.66
N VAL A 28 -0.08 -17.41 -16.12
CA VAL A 28 0.61 -18.60 -16.69
C VAL A 28 0.30 -19.77 -15.77
N ASP A 29 -0.32 -20.83 -16.30
CA ASP A 29 -0.79 -21.96 -15.48
C ASP A 29 -1.63 -21.36 -14.35
N ASP A 30 -1.40 -21.72 -13.09
CA ASP A 30 -2.21 -21.25 -11.95
C ASP A 30 -1.49 -20.08 -11.22
N THR A 31 -0.57 -19.35 -11.88
CA THR A 31 0.16 -18.20 -11.28
C THR A 31 -0.30 -16.88 -11.95
N GLN A 32 -0.97 -16.01 -11.20
CA GLN A 32 -1.32 -14.66 -11.68
C GLN A 32 -0.01 -13.86 -11.88
N PHE A 33 0.12 -13.12 -12.99
CA PHE A 33 1.36 -12.36 -13.25
C PHE A 33 1.06 -10.88 -13.57
N VAL A 34 -0.16 -10.51 -13.98
CA VAL A 34 -0.55 -9.10 -14.24
C VAL A 34 -2.01 -8.85 -13.86
N ARG A 35 -2.33 -7.58 -13.62
CA ARG A 35 -3.71 -7.12 -13.34
C ARG A 35 -3.88 -5.66 -13.75
N PHE A 36 -5.12 -5.30 -14.08
CA PHE A 36 -5.61 -3.92 -14.27
C PHE A 36 -7.06 -3.88 -13.79
N ASP A 37 -7.41 -3.08 -12.78
CA ASP A 37 -8.77 -3.06 -12.16
C ASP A 37 -9.25 -1.63 -12.01
N SER A 38 -10.27 -1.24 -12.77
CA SER A 38 -10.86 0.12 -12.70
C SER A 38 -11.41 0.38 -11.29
N ASP A 39 -11.86 -0.67 -10.55
CA ASP A 39 -12.40 -0.48 -9.16
C ASP A 39 -11.24 -0.25 -8.18
N ALA A 40 -10.00 -0.50 -8.59
CA ALA A 40 -8.77 -0.20 -7.82
C ALA A 40 -8.11 1.10 -8.35
N ALA A 41 -8.81 1.83 -9.21
CA ALA A 41 -8.33 3.08 -9.86
C ALA A 41 -6.97 2.81 -10.47
N SER A 42 -6.80 1.65 -11.13
CA SER A 42 -5.55 1.31 -11.88
C SER A 42 -5.31 2.38 -12.97
N GLN A 43 -4.06 2.76 -13.23
CA GLN A 43 -3.67 3.58 -14.39
C GLN A 43 -2.76 2.78 -15.32
N ARG A 44 -2.14 1.71 -14.81
CA ARG A 44 -1.07 0.91 -15.50
C ARG A 44 -1.42 -0.58 -15.38
N MET A 45 -1.01 -1.41 -16.34
CA MET A 45 -0.88 -2.86 -16.13
C MET A 45 0.15 -3.07 -15.01
N GLU A 46 -0.20 -3.82 -13.96
CA GLU A 46 0.64 -3.98 -12.75
C GLU A 46 1.11 -5.44 -12.65
N PRO A 47 2.37 -5.64 -12.20
CA PRO A 47 2.93 -6.98 -12.04
C PRO A 47 2.40 -7.67 -10.78
N ARG A 48 2.24 -9.00 -10.82
CA ARG A 48 1.91 -9.83 -9.65
C ARG A 48 2.95 -10.92 -9.42
N ALA A 49 4.02 -11.01 -10.20
CA ALA A 49 5.07 -12.05 -10.01
C ALA A 49 6.44 -11.42 -10.18
N PRO A 50 7.46 -11.83 -9.38
CA PRO A 50 8.83 -11.34 -9.55
C PRO A 50 9.34 -11.38 -10.99
N TRP A 51 9.13 -12.50 -11.68
CA TRP A 51 9.72 -12.77 -13.02
C TRP A 51 9.14 -11.82 -14.08
N ILE A 52 7.97 -11.23 -13.86
CA ILE A 52 7.39 -10.26 -14.84
C ILE A 52 7.86 -8.86 -14.47
N GLU A 53 8.01 -8.59 -13.17
CA GLU A 53 8.40 -7.27 -12.62
C GLU A 53 9.76 -6.84 -13.22
N GLN A 54 10.63 -7.78 -13.57
CA GLN A 54 12.01 -7.50 -14.10
C GLN A 54 11.94 -7.01 -15.57
N GLU A 55 10.81 -7.17 -16.27
CA GLU A 55 10.63 -6.55 -17.61
C GLU A 55 10.76 -5.03 -17.51
N GLY A 56 11.26 -4.41 -18.58
CA GLY A 56 11.63 -2.97 -18.61
C GLY A 56 10.43 -2.06 -18.90
N PRO A 57 10.67 -0.73 -18.94
CA PRO A 57 9.60 0.26 -19.15
C PRO A 57 8.86 0.09 -20.49
N GLU A 58 9.58 -0.36 -21.53
CA GLU A 58 9.03 -0.60 -22.88
C GLU A 58 7.89 -1.60 -22.77
N TYR A 59 8.16 -2.77 -22.18
CA TYR A 59 7.15 -3.84 -21.95
C TYR A 59 5.93 -3.25 -21.23
N TRP A 60 6.15 -2.59 -20.11
CA TRP A 60 5.07 -2.09 -19.21
C TRP A 60 4.22 -0.98 -19.87
N ASP A 61 4.85 -0.01 -20.55
CA ASP A 61 4.13 0.99 -21.40
C ASP A 61 3.27 0.27 -22.43
N GLY A 62 3.84 -0.72 -23.14
CA GLY A 62 3.13 -1.50 -24.19
C GLY A 62 1.91 -2.24 -23.61
N GLU A 63 2.08 -2.93 -22.49
CA GLU A 63 0.97 -3.67 -21.88
C GLU A 63 -0.09 -2.68 -21.37
N THR A 64 0.30 -1.52 -20.88
CA THR A 64 -0.63 -0.50 -20.36
C THR A 64 -1.46 0.04 -21.53
N ARG A 65 -0.82 0.42 -22.64
CA ARG A 65 -1.55 0.89 -23.86
C ARG A 65 -2.55 -0.19 -24.24
N LYS A 66 -2.17 -1.45 -24.22
CA LYS A 66 -3.01 -2.50 -24.84
C LYS A 66 -4.17 -2.81 -23.92
N VAL A 67 -3.95 -2.80 -22.61
CA VAL A 67 -5.04 -3.11 -21.66
C VAL A 67 -6.07 -1.97 -21.72
N LYS A 68 -5.63 -0.73 -21.94
CA LYS A 68 -6.56 0.44 -22.08
C LYS A 68 -7.37 0.29 -23.36
N ALA A 69 -6.77 -0.25 -24.44
CA ALA A 69 -7.45 -0.59 -25.71
C ALA A 69 -8.51 -1.66 -25.44
N HIS A 70 -8.18 -2.70 -24.69
CA HIS A 70 -9.12 -3.79 -24.36
C HIS A 70 -10.31 -3.22 -23.56
N SER A 71 -10.04 -2.34 -22.59
CA SER A 71 -11.08 -1.66 -21.78
C SER A 71 -12.07 -0.90 -22.71
N GLN A 72 -11.53 -0.14 -23.66
N GLN A 72 -11.51 -0.13 -23.66
CA GLN A 72 -12.38 0.66 -24.56
CA GLN A 72 -12.28 0.65 -24.67
C GLN A 72 -13.20 -0.28 -25.46
C GLN A 72 -13.19 -0.30 -25.44
N THR A 73 -12.64 -1.42 -25.89
CA THR A 73 -13.36 -2.50 -26.64
C THR A 73 -14.65 -2.92 -25.89
N HIS A 74 -14.48 -3.29 -24.61
CA HIS A 74 -15.59 -3.81 -23.77
C HIS A 74 -16.60 -2.69 -23.50
N ARG A 75 -16.16 -1.42 -23.43
CA ARG A 75 -17.07 -0.27 -23.25
C ARG A 75 -18.06 -0.26 -24.42
N VAL A 76 -17.56 -0.45 -25.65
CA VAL A 76 -18.38 -0.49 -26.88
C VAL A 76 -19.29 -1.72 -26.81
N ASP A 77 -18.74 -2.85 -26.45
CA ASP A 77 -19.41 -4.19 -26.44
C ASP A 77 -20.68 -4.15 -25.55
N LEU A 78 -20.61 -3.56 -24.35
CA LEU A 78 -21.76 -3.40 -23.43
C LEU A 78 -22.88 -2.66 -24.14
N GLY A 79 -22.56 -1.56 -24.88
CA GLY A 79 -23.54 -0.81 -25.66
C GLY A 79 -24.09 -1.66 -26.81
N THR A 80 -23.21 -2.32 -27.57
CA THR A 80 -23.64 -3.17 -28.70
C THR A 80 -24.63 -4.24 -28.23
N LEU A 81 -24.33 -4.97 -27.16
CA LEU A 81 -25.17 -6.11 -26.66
C LEU A 81 -26.53 -5.59 -26.16
N ARG A 82 -26.58 -4.42 -25.53
CA ARG A 82 -27.88 -3.82 -25.11
C ARG A 82 -28.75 -3.67 -26.36
N GLY A 83 -28.12 -3.25 -27.46
CA GLY A 83 -28.78 -3.07 -28.77
C GLY A 83 -29.23 -4.41 -29.32
N TYR A 84 -28.32 -5.39 -29.41
CA TYR A 84 -28.65 -6.73 -29.96
C TYR A 84 -29.85 -7.33 -29.16
N TYR A 85 -29.91 -7.16 -27.85
CA TYR A 85 -30.89 -7.89 -26.97
C TYR A 85 -32.09 -6.97 -26.56
N ASN A 86 -32.15 -5.74 -27.07
CA ASN A 86 -33.20 -4.73 -26.76
C ASN A 86 -33.32 -4.52 -25.25
N GLN A 87 -32.23 -4.14 -24.57
CA GLN A 87 -32.20 -3.93 -23.11
C GLN A 87 -32.04 -2.42 -22.80
N SER A 88 -32.65 -1.97 -21.76
CA SER A 88 -32.45 -0.59 -21.29
C SER A 88 -31.08 -0.42 -20.62
N GLU A 89 -30.68 0.82 -20.43
CA GLU A 89 -29.41 1.17 -19.76
C GLU A 89 -29.58 1.06 -18.25
N ALA A 90 -30.79 1.05 -17.74
CA ALA A 90 -31.08 0.95 -16.29
C ALA A 90 -30.43 -0.32 -15.67
N GLY A 91 -30.34 -1.43 -16.40
CA GLY A 91 -29.92 -2.73 -15.81
C GLY A 91 -28.39 -2.87 -15.70
N SER A 92 -27.92 -3.75 -14.86
CA SER A 92 -26.48 -4.12 -14.80
C SER A 92 -26.26 -5.39 -15.64
N HIS A 93 -25.32 -5.38 -16.56
CA HIS A 93 -24.97 -6.54 -17.43
C HIS A 93 -23.45 -6.83 -17.36
N THR A 94 -23.06 -8.05 -17.69
CA THR A 94 -21.65 -8.52 -17.62
C THR A 94 -21.19 -9.09 -18.97
N VAL A 95 -20.05 -8.62 -19.45
CA VAL A 95 -19.31 -9.27 -20.56
C VAL A 95 -18.04 -9.87 -19.99
N GLN A 96 -17.78 -11.12 -20.36
CA GLN A 96 -16.54 -11.82 -20.06
C GLN A 96 -15.90 -12.25 -21.38
N ARG A 97 -14.59 -12.21 -21.36
CA ARG A 97 -13.76 -12.65 -22.47
C ARG A 97 -12.58 -13.41 -21.88
N MET A 98 -12.19 -14.47 -22.55
CA MET A 98 -11.01 -15.27 -22.21
C MET A 98 -10.30 -15.56 -23.53
N TYR A 99 -8.99 -15.39 -23.53
CA TYR A 99 -8.16 -15.93 -24.63
C TYR A 99 -6.82 -16.42 -24.08
N GLY A 100 -6.20 -17.29 -24.85
CA GLY A 100 -4.79 -17.70 -24.62
C GLY A 100 -4.39 -18.95 -25.38
N CYS A 101 -3.25 -19.51 -25.00
CA CYS A 101 -2.63 -20.63 -25.72
C CYS A 101 -2.12 -21.64 -24.71
N ASP A 102 -2.13 -22.90 -25.13
CA ASP A 102 -1.54 -24.06 -24.44
C ASP A 102 -0.33 -24.53 -25.24
N VAL A 103 0.73 -24.97 -24.56
CA VAL A 103 1.93 -25.62 -25.14
C VAL A 103 2.14 -26.96 -24.43
N GLY A 104 2.72 -27.93 -25.13
CA GLY A 104 3.06 -29.27 -24.59
C GLY A 104 4.37 -29.23 -23.86
N SER A 105 4.91 -30.40 -23.46
CA SER A 105 6.20 -30.52 -22.73
C SER A 105 7.35 -30.01 -23.60
N ASP A 106 7.20 -30.11 -24.92
CA ASP A 106 8.20 -29.64 -25.93
C ASP A 106 8.06 -28.13 -26.12
N TRP A 107 7.06 -27.51 -25.47
CA TRP A 107 6.74 -26.06 -25.53
C TRP A 107 6.21 -25.68 -26.93
N ARG A 108 5.67 -26.65 -27.68
CA ARG A 108 4.99 -26.42 -28.99
C ARG A 108 3.52 -26.11 -28.76
N PHE A 109 2.92 -25.32 -29.65
CA PHE A 109 1.47 -25.01 -29.68
C PHE A 109 0.65 -26.31 -29.64
N LEU A 110 -0.32 -26.37 -28.74
CA LEU A 110 -1.36 -27.44 -28.66
C LEU A 110 -2.72 -26.85 -29.03
N ARG A 111 -3.09 -25.69 -28.47
CA ARG A 111 -4.46 -25.13 -28.59
C ARG A 111 -4.46 -23.63 -28.28
N GLY A 112 -5.33 -22.88 -28.93
CA GLY A 112 -5.66 -21.48 -28.65
C GLY A 112 -7.14 -21.31 -28.32
N TYR A 113 -7.48 -20.26 -27.56
CA TYR A 113 -8.87 -19.93 -27.16
C TYR A 113 -9.12 -18.49 -27.41
N HIS A 114 -10.34 -18.14 -27.78
CA HIS A 114 -10.83 -16.73 -27.84
C HIS A 114 -12.35 -16.76 -27.76
N GLN A 115 -12.92 -16.49 -26.57
CA GLN A 115 -14.37 -16.76 -26.33
C GLN A 115 -14.96 -15.76 -25.31
N TYR A 116 -16.27 -15.59 -25.43
CA TYR A 116 -17.06 -14.55 -24.73
C TYR A 116 -18.26 -15.21 -24.05
N ALA A 117 -18.69 -14.63 -22.91
CA ALA A 117 -20.02 -14.84 -22.33
C ALA A 117 -20.70 -13.48 -22.14
N TYR A 118 -22.01 -13.49 -22.16
CA TYR A 118 -22.88 -12.34 -21.81
C TYR A 118 -23.89 -12.78 -20.78
N ASP A 119 -23.91 -12.10 -19.63
CA ASP A 119 -24.81 -12.35 -18.50
C ASP A 119 -24.77 -13.84 -18.11
N GLY A 120 -23.57 -14.42 -17.99
CA GLY A 120 -23.39 -15.75 -17.36
C GLY A 120 -23.65 -16.91 -18.31
N LYS A 121 -23.76 -16.67 -19.62
CA LYS A 121 -23.98 -17.77 -20.60
C LYS A 121 -23.09 -17.54 -21.80
N ASP A 122 -22.71 -18.63 -22.48
CA ASP A 122 -21.89 -18.55 -23.72
C ASP A 122 -22.49 -17.48 -24.67
N TYR A 123 -21.64 -16.73 -25.34
CA TYR A 123 -22.05 -15.78 -26.40
C TYR A 123 -21.43 -16.23 -27.72
N ILE A 124 -20.12 -16.14 -27.85
CA ILE A 124 -19.42 -16.61 -29.08
C ILE A 124 -18.06 -17.16 -28.68
N ALA A 125 -17.58 -18.19 -29.37
CA ALA A 125 -16.30 -18.85 -29.12
C ALA A 125 -15.62 -19.21 -30.44
N LEU A 126 -14.31 -18.97 -30.55
CA LEU A 126 -13.44 -19.54 -31.60
C LEU A 126 -13.30 -21.03 -31.39
N LYS A 127 -13.57 -21.82 -32.41
CA LYS A 127 -13.44 -23.28 -32.39
C LYS A 127 -11.95 -23.65 -32.41
N GLU A 128 -11.64 -24.91 -32.09
CA GLU A 128 -10.26 -25.42 -31.94
C GLU A 128 -9.51 -25.30 -33.27
N ASP A 129 -10.20 -25.35 -34.43
CA ASP A 129 -9.58 -25.14 -35.77
C ASP A 129 -9.07 -23.69 -35.95
N LEU A 130 -9.45 -22.76 -35.08
CA LEU A 130 -9.08 -21.31 -35.12
C LEU A 130 -9.45 -20.67 -36.48
N ARG A 131 -10.53 -21.15 -37.09
CA ARG A 131 -11.03 -20.68 -38.41
C ARG A 131 -12.50 -20.34 -38.33
N SER A 132 -13.20 -20.84 -37.33
CA SER A 132 -14.67 -20.80 -37.29
C SER A 132 -15.16 -20.46 -35.88
N TRP A 133 -16.40 -20.02 -35.83
CA TRP A 133 -17.06 -19.46 -34.62
C TRP A 133 -18.25 -20.36 -34.24
N THR A 134 -18.42 -20.63 -32.94
CA THR A 134 -19.69 -21.09 -32.36
C THR A 134 -20.45 -19.91 -31.77
N ALA A 135 -21.60 -19.63 -32.32
CA ALA A 135 -22.50 -18.56 -31.85
C ALA A 135 -23.63 -19.19 -31.06
N ALA A 136 -23.78 -18.81 -29.79
CA ALA A 136 -24.69 -19.50 -28.84
C ALA A 136 -26.17 -19.20 -29.20
N ASP A 137 -26.47 -18.01 -29.69
CA ASP A 137 -27.90 -17.60 -29.92
C ASP A 137 -27.99 -16.75 -31.19
N MET A 138 -29.18 -16.23 -31.45
CA MET A 138 -29.51 -15.48 -32.71
C MET A 138 -28.70 -14.17 -32.73
N ALA A 139 -28.49 -13.52 -31.59
CA ALA A 139 -27.73 -12.26 -31.49
C ALA A 139 -26.25 -12.50 -31.75
N ALA A 140 -25.66 -13.62 -31.26
CA ALA A 140 -24.22 -13.92 -31.49
C ALA A 140 -24.00 -14.26 -32.97
N GLN A 141 -25.06 -14.63 -33.70
CA GLN A 141 -25.02 -14.88 -35.17
C GLN A 141 -24.61 -13.58 -35.90
N THR A 142 -25.05 -12.42 -35.40
CA THR A 142 -24.72 -11.09 -35.95
C THR A 142 -23.21 -10.90 -35.84
N THR A 143 -22.61 -11.13 -34.67
CA THR A 143 -21.13 -11.03 -34.44
C THR A 143 -20.37 -12.01 -35.36
N LYS A 144 -20.84 -13.24 -35.45
CA LYS A 144 -20.24 -14.31 -36.28
C LYS A 144 -20.14 -13.84 -37.73
N HIS A 145 -21.26 -13.43 -38.34
CA HIS A 145 -21.32 -12.92 -39.76
C HIS A 145 -20.31 -11.78 -39.94
N LYS A 146 -20.30 -10.83 -39.00
CA LYS A 146 -19.42 -9.63 -39.06
C LYS A 146 -17.96 -10.11 -39.04
N TRP A 147 -17.63 -11.05 -38.14
CA TRP A 147 -16.26 -11.56 -37.89
C TRP A 147 -15.79 -12.46 -39.04
N GLU A 148 -16.71 -13.18 -39.69
CA GLU A 148 -16.43 -13.93 -40.95
C GLU A 148 -16.15 -12.93 -42.09
N ALA A 149 -17.03 -11.97 -42.31
CA ALA A 149 -16.87 -10.95 -43.38
C ALA A 149 -15.53 -10.21 -43.17
N ALA A 150 -15.16 -9.91 -41.93
CA ALA A 150 -13.98 -9.10 -41.55
C ALA A 150 -12.72 -9.96 -41.41
N HIS A 151 -12.83 -11.27 -41.57
CA HIS A 151 -11.69 -12.23 -41.46
C HIS A 151 -10.99 -12.11 -40.09
N VAL A 152 -11.73 -12.01 -39.01
CA VAL A 152 -11.15 -11.85 -37.63
C VAL A 152 -10.36 -13.12 -37.23
N ALA A 153 -10.87 -14.31 -37.53
CA ALA A 153 -10.28 -15.59 -37.07
C ALA A 153 -8.83 -15.68 -37.55
N GLU A 154 -8.53 -15.20 -38.76
CA GLU A 154 -7.17 -15.34 -39.36
C GLU A 154 -6.18 -14.46 -38.58
N GLN A 155 -6.59 -13.29 -38.11
CA GLN A 155 -5.69 -12.42 -37.30
C GLN A 155 -5.53 -13.01 -35.88
N LEU A 156 -6.56 -13.63 -35.31
CA LEU A 156 -6.47 -14.26 -33.97
C LEU A 156 -5.55 -15.49 -34.02
N ARG A 157 -5.67 -16.33 -35.03
CA ARG A 157 -4.76 -17.49 -35.24
C ARG A 157 -3.29 -17.05 -35.26
N ALA A 158 -2.93 -16.02 -36.01
CA ALA A 158 -1.53 -15.52 -36.01
C ALA A 158 -1.06 -15.25 -34.57
N TYR A 159 -1.85 -14.56 -33.71
CA TYR A 159 -1.49 -14.28 -32.30
C TYR A 159 -1.42 -15.59 -31.52
N LEU A 160 -2.45 -16.42 -31.62
CA LEU A 160 -2.64 -17.61 -30.75
C LEU A 160 -1.55 -18.65 -31.04
N GLU A 161 -1.20 -18.88 -32.33
CA GLU A 161 -0.18 -19.86 -32.76
C GLU A 161 1.24 -19.25 -32.73
N GLY A 162 1.38 -17.92 -32.76
CA GLY A 162 2.69 -17.25 -32.87
C GLY A 162 3.06 -16.51 -31.59
N THR A 163 2.74 -15.21 -31.52
CA THR A 163 3.07 -14.26 -30.41
C THR A 163 2.77 -14.92 -29.04
N CYS A 164 1.57 -15.49 -28.87
CA CYS A 164 1.09 -16.03 -27.57
C CYS A 164 2.08 -17.11 -27.07
N VAL A 165 2.47 -18.02 -27.96
CA VAL A 165 3.39 -19.15 -27.68
C VAL A 165 4.78 -18.58 -27.38
N GLU A 166 5.23 -17.63 -28.19
CA GLU A 166 6.59 -17.04 -28.09
C GLU A 166 6.73 -16.31 -26.74
N TRP A 167 5.71 -15.60 -26.28
CA TRP A 167 5.78 -14.84 -25.00
C TRP A 167 5.63 -15.81 -23.80
N LEU A 168 4.80 -16.84 -23.93
CA LEU A 168 4.65 -17.87 -22.87
C LEU A 168 6.05 -18.51 -22.64
N ARG A 169 6.76 -18.85 -23.71
CA ARG A 169 8.13 -19.45 -23.63
C ARG A 169 9.08 -18.49 -22.91
N ARG A 170 9.03 -17.20 -23.22
CA ARG A 170 9.88 -16.20 -22.54
C ARG A 170 9.56 -16.20 -21.03
N TYR A 171 8.28 -16.17 -20.68
CA TYR A 171 7.78 -16.15 -19.28
C TYR A 171 8.26 -17.42 -18.55
N LEU A 172 8.14 -18.59 -19.20
CA LEU A 172 8.54 -19.89 -18.61
C LEU A 172 10.04 -19.89 -18.33
N GLU A 173 10.86 -19.42 -19.29
CA GLU A 173 12.33 -19.30 -19.12
C GLU A 173 12.62 -18.30 -18.02
N ASN A 174 12.01 -17.11 -18.04
CA ASN A 174 12.33 -16.05 -17.05
C ASN A 174 11.88 -16.48 -15.65
N GLY A 175 10.68 -17.08 -15.56
CA GLY A 175 10.08 -17.51 -14.28
C GLY A 175 10.39 -18.96 -13.91
N LYS A 176 11.42 -19.59 -14.50
CA LYS A 176 11.59 -21.08 -14.50
C LYS A 176 11.42 -21.64 -13.07
N GLU A 177 12.09 -21.02 -12.10
CA GLU A 177 12.14 -21.40 -10.67
C GLU A 177 10.72 -21.53 -10.08
N THR A 178 9.78 -20.70 -10.51
CA THR A 178 8.40 -20.54 -10.00
C THR A 178 7.44 -21.38 -10.86
N LEU A 179 7.51 -21.23 -12.18
CA LEU A 179 6.50 -21.74 -13.13
C LEU A 179 6.80 -23.21 -13.50
N GLN A 180 8.06 -23.63 -13.57
CA GLN A 180 8.39 -25.02 -13.98
C GLN A 180 8.53 -25.88 -12.74
N ARG A 181 8.07 -25.42 -11.57
CA ARG A 181 8.06 -26.24 -10.31
C ARG A 181 6.79 -27.09 -10.25
N THR A 182 6.84 -28.21 -9.54
CA THR A 182 5.65 -28.91 -9.00
C THR A 182 5.87 -29.07 -7.51
N ASP A 183 4.89 -28.67 -6.71
CA ASP A 183 4.86 -28.92 -5.25
C ASP A 183 3.87 -30.06 -5.02
N ALA A 184 4.35 -31.19 -4.56
CA ALA A 184 3.54 -32.38 -4.27
C ALA A 184 2.67 -32.07 -3.07
N PRO A 185 1.42 -32.57 -3.02
CA PRO A 185 0.55 -32.33 -1.89
C PRO A 185 1.13 -32.94 -0.61
N LYS A 186 0.98 -32.24 0.51
CA LYS A 186 1.17 -32.82 1.86
C LYS A 186 -0.17 -33.41 2.28
N THR A 187 -0.20 -34.72 2.50
CA THR A 187 -1.43 -35.52 2.64
C THR A 187 -1.50 -36.08 4.05
N HIS A 188 -2.67 -36.05 4.65
CA HIS A 188 -2.97 -36.75 5.92
C HIS A 188 -4.45 -37.09 5.95
N MET A 189 -4.83 -37.96 6.87
CA MET A 189 -6.24 -38.34 7.09
C MET A 189 -6.66 -37.98 8.52
N THR A 190 -7.90 -37.49 8.69
CA THR A 190 -8.53 -37.24 10.01
C THR A 190 -9.73 -38.19 10.19
N HIS A 191 -10.15 -38.36 11.42
CA HIS A 191 -11.29 -39.20 11.85
C HIS A 191 -12.15 -38.40 12.85
N HIS A 192 -13.43 -38.18 12.53
CA HIS A 192 -14.41 -37.46 13.39
C HIS A 192 -15.61 -38.37 13.63
N ALA A 193 -15.81 -38.84 14.86
CA ALA A 193 -17.02 -39.58 15.24
C ALA A 193 -18.22 -38.65 15.09
N VAL A 194 -19.08 -38.90 14.09
CA VAL A 194 -20.44 -38.30 13.90
C VAL A 194 -21.34 -38.71 15.10
N SER A 195 -21.52 -40.03 15.29
CA SER A 195 -22.28 -40.67 16.39
C SER A 195 -21.47 -41.87 16.91
N ASP A 196 -22.08 -42.72 17.74
CA ASP A 196 -21.55 -44.07 18.07
C ASP A 196 -21.56 -44.97 16.82
N HIS A 197 -22.38 -44.67 15.80
CA HIS A 197 -22.74 -45.58 14.67
C HIS A 197 -21.94 -45.23 13.38
N GLU A 198 -21.47 -44.00 13.21
CA GLU A 198 -20.80 -43.57 11.97
C GLU A 198 -19.55 -42.73 12.33
N ALA A 199 -18.52 -42.72 11.49
CA ALA A 199 -17.41 -41.73 11.52
C ALA A 199 -17.24 -41.07 10.16
N THR A 200 -16.73 -39.82 10.14
CA THR A 200 -16.21 -39.13 8.93
C THR A 200 -14.70 -39.40 8.83
N LEU A 201 -14.22 -39.97 7.71
CA LEU A 201 -12.80 -39.97 7.35
C LEU A 201 -12.60 -38.84 6.37
N ARG A 202 -11.62 -37.98 6.59
CA ARG A 202 -11.39 -36.79 5.73
C ARG A 202 -9.95 -36.84 5.26
N CYS A 203 -9.77 -36.97 3.95
CA CYS A 203 -8.46 -37.08 3.29
C CYS A 203 -8.03 -35.70 2.79
N TRP A 204 -6.87 -35.23 3.23
CA TRP A 204 -6.39 -33.84 3.03
C TRP A 204 -5.24 -33.81 2.03
N ALA A 205 -5.24 -32.80 1.14
CA ALA A 205 -4.10 -32.44 0.29
C ALA A 205 -3.79 -30.96 0.50
N LEU A 206 -2.56 -30.62 0.93
CA LEU A 206 -2.17 -29.21 1.26
C LEU A 206 -0.88 -28.81 0.52
N SER A 207 -0.71 -27.50 0.27
CA SER A 207 0.48 -26.83 -0.30
C SER A 207 0.91 -27.51 -1.60
N PHE A 208 -0.03 -27.77 -2.50
CA PHE A 208 0.32 -28.34 -3.82
C PHE A 208 0.24 -27.24 -4.91
N TYR A 209 1.00 -27.48 -5.98
CA TYR A 209 1.01 -26.70 -7.24
C TYR A 209 1.47 -27.62 -8.36
N PRO A 210 0.83 -27.61 -9.56
CA PRO A 210 -0.34 -26.78 -9.85
C PRO A 210 -1.64 -27.21 -9.16
N ALA A 211 -2.76 -26.59 -9.51
CA ALA A 211 -4.04 -26.77 -8.80
C ALA A 211 -4.63 -28.14 -9.12
N GLU A 212 -4.35 -28.68 -10.30
CA GLU A 212 -4.97 -29.92 -10.83
C GLU A 212 -4.63 -31.09 -9.88
N ILE A 213 -5.65 -31.81 -9.40
CA ILE A 213 -5.44 -32.94 -8.45
C ILE A 213 -6.66 -33.84 -8.49
N THR A 214 -6.52 -35.12 -8.13
CA THR A 214 -7.63 -36.09 -8.01
C THR A 214 -7.55 -36.73 -6.63
N LEU A 215 -8.57 -36.57 -5.80
CA LEU A 215 -8.80 -37.32 -4.53
C LEU A 215 -9.97 -38.29 -4.75
N THR A 216 -9.79 -39.58 -4.53
CA THR A 216 -10.88 -40.57 -4.74
C THR A 216 -10.86 -41.56 -3.59
N TRP A 217 -12.05 -41.93 -3.11
CA TRP A 217 -12.22 -42.97 -2.05
C TRP A 217 -12.45 -44.32 -2.71
N GLN A 218 -11.92 -45.36 -2.09
CA GLN A 218 -12.25 -46.77 -2.37
C GLN A 218 -12.68 -47.47 -1.07
N ARG A 219 -13.48 -48.50 -1.22
CA ARG A 219 -13.88 -49.43 -0.14
C ARG A 219 -13.56 -50.85 -0.64
N ASP A 220 -12.70 -51.56 0.08
CA ASP A 220 -12.16 -52.88 -0.33
C ASP A 220 -11.59 -52.78 -1.74
N GLY A 221 -10.86 -51.70 -2.03
CA GLY A 221 -10.17 -51.47 -3.32
C GLY A 221 -11.13 -51.30 -4.49
N GLU A 222 -12.36 -50.87 -4.23
CA GLU A 222 -13.43 -50.62 -5.24
C GLU A 222 -13.91 -49.19 -5.10
N ASP A 223 -14.24 -48.55 -6.20
CA ASP A 223 -14.54 -47.10 -6.24
C ASP A 223 -15.73 -46.83 -5.32
N GLN A 224 -15.67 -45.75 -4.55
CA GLN A 224 -16.72 -45.40 -3.56
C GLN A 224 -17.10 -43.94 -3.74
N THR A 225 -18.36 -43.69 -4.13
CA THR A 225 -18.95 -42.33 -4.25
C THR A 225 -20.12 -42.15 -3.27
N GLN A 226 -20.87 -43.18 -2.94
CA GLN A 226 -21.97 -43.04 -1.93
C GLN A 226 -21.37 -42.56 -0.60
N ASP A 227 -22.02 -41.59 0.05
CA ASP A 227 -21.70 -41.10 1.42
C ASP A 227 -20.37 -40.31 1.38
N THR A 228 -19.92 -39.83 0.22
CA THR A 228 -18.68 -39.01 0.09
C THR A 228 -19.03 -37.54 -0.15
N GLU A 229 -18.07 -36.64 0.09
CA GLU A 229 -18.18 -35.19 -0.10
C GLU A 229 -16.80 -34.67 -0.55
N LEU A 230 -16.72 -33.84 -1.58
CA LEU A 230 -15.43 -33.30 -2.07
C LEU A 230 -15.57 -31.81 -2.42
N VAL A 231 -14.76 -30.99 -1.73
CA VAL A 231 -14.81 -29.50 -1.82
C VAL A 231 -14.04 -29.08 -3.06
N GLU A 232 -14.39 -27.94 -3.63
CA GLU A 232 -13.62 -27.29 -4.71
C GLU A 232 -12.19 -27.08 -4.19
N THR A 233 -11.23 -27.31 -5.06
CA THR A 233 -9.82 -26.93 -4.84
C THR A 233 -9.78 -25.42 -4.55
N ARG A 234 -9.03 -25.01 -3.54
CA ARG A 234 -9.03 -23.63 -3.05
C ARG A 234 -7.61 -23.13 -2.90
N PRO A 235 -7.39 -21.82 -3.13
CA PRO A 235 -6.06 -21.22 -2.98
C PRO A 235 -5.70 -21.00 -1.51
N ALA A 236 -4.46 -21.31 -1.13
CA ALA A 236 -3.96 -21.11 0.25
C ALA A 236 -3.64 -19.64 0.49
N GLY A 237 -3.34 -18.90 -0.59
CA GLY A 237 -3.01 -17.49 -0.51
C GLY A 237 -1.52 -17.26 -0.70
N ASP A 238 -0.74 -18.31 -0.79
CA ASP A 238 0.74 -18.24 -0.99
C ASP A 238 1.12 -18.83 -2.35
N GLY A 239 0.16 -19.04 -3.25
CA GLY A 239 0.40 -19.57 -4.61
C GLY A 239 0.27 -21.08 -4.67
N THR A 240 -0.05 -21.75 -3.54
CA THR A 240 -0.32 -23.21 -3.50
C THR A 240 -1.82 -23.43 -3.31
N PHE A 241 -2.27 -24.68 -3.36
CA PHE A 241 -3.71 -25.05 -3.31
C PHE A 241 -3.93 -26.17 -2.25
N GLN A 242 -5.18 -26.25 -1.77
CA GLN A 242 -5.70 -27.21 -0.80
C GLN A 242 -6.93 -27.89 -1.41
N LYS A 243 -7.20 -29.11 -0.96
CA LYS A 243 -8.46 -29.85 -1.23
C LYS A 243 -8.64 -30.91 -0.17
N TRP A 244 -9.88 -31.28 0.12
CA TRP A 244 -10.17 -32.48 0.92
C TRP A 244 -11.33 -33.26 0.30
N ALA A 245 -11.42 -34.50 0.69
CA ALA A 245 -12.50 -35.42 0.31
C ALA A 245 -12.83 -36.23 1.54
N ALA A 246 -14.11 -36.52 1.77
CA ALA A 246 -14.54 -37.18 3.00
C ALA A 246 -15.56 -38.26 2.66
N VAL A 247 -15.63 -39.25 3.53
CA VAL A 247 -16.59 -40.37 3.45
C VAL A 247 -17.09 -40.65 4.87
N VAL A 248 -18.37 -40.94 4.98
CA VAL A 248 -19.05 -41.31 6.25
C VAL A 248 -19.20 -42.82 6.26
N VAL A 249 -18.57 -43.48 7.22
CA VAL A 249 -18.37 -44.95 7.25
C VAL A 249 -18.95 -45.48 8.56
N PRO A 250 -19.57 -46.67 8.54
CA PRO A 250 -20.05 -47.31 9.76
C PRO A 250 -18.88 -47.53 10.72
N SER A 251 -19.11 -47.31 12.01
CA SER A 251 -18.19 -47.66 13.11
C SER A 251 -17.65 -49.08 12.96
N GLY A 252 -16.33 -49.24 13.07
CA GLY A 252 -15.66 -50.54 13.02
C GLY A 252 -15.19 -50.90 11.62
N GLN A 253 -15.57 -50.12 10.59
CA GLN A 253 -15.31 -50.49 9.16
C GLN A 253 -14.23 -49.56 8.55
N GLU A 254 -13.63 -48.69 9.37
CA GLU A 254 -12.65 -47.66 8.89
C GLU A 254 -11.59 -48.31 7.99
N GLN A 255 -11.19 -49.55 8.26
CA GLN A 255 -10.01 -50.19 7.60
C GLN A 255 -10.34 -50.60 6.16
N ARG A 256 -11.60 -50.59 5.79
CA ARG A 256 -12.05 -50.97 4.42
C ARG A 256 -11.70 -49.86 3.43
N TYR A 257 -11.50 -48.62 3.92
CA TYR A 257 -11.54 -47.41 3.07
C TYR A 257 -10.12 -46.91 2.79
N THR A 258 -9.82 -46.56 1.52
CA THR A 258 -8.51 -45.96 1.17
C THR A 258 -8.75 -44.68 0.37
N CYS A 259 -7.94 -43.68 0.59
CA CYS A 259 -7.94 -42.40 -0.18
C CYS A 259 -6.77 -42.42 -1.17
N HIS A 260 -7.03 -42.05 -2.42
CA HIS A 260 -6.05 -42.14 -3.55
C HIS A 260 -5.83 -40.73 -4.10
N VAL A 261 -4.59 -40.29 -4.06
CA VAL A 261 -4.17 -38.91 -4.43
C VAL A 261 -3.31 -38.97 -5.70
N GLN A 262 -3.69 -38.25 -6.74
CA GLN A 262 -2.91 -38.15 -8.01
C GLN A 262 -2.61 -36.69 -8.25
N HIS A 263 -1.36 -36.38 -8.54
CA HIS A 263 -0.85 -35.02 -8.71
C HIS A 263 0.49 -35.14 -9.43
N GLU A 264 0.73 -34.20 -10.36
CA GLU A 264 1.89 -34.24 -11.29
C GLU A 264 3.17 -34.20 -10.46
N GLY A 265 3.11 -33.61 -9.26
CA GLY A 265 4.27 -33.47 -8.36
C GLY A 265 4.62 -34.77 -7.62
N LEU A 266 3.74 -35.76 -7.63
CA LEU A 266 4.02 -37.07 -6.94
C LEU A 266 4.82 -37.99 -7.83
N PRO A 267 5.84 -38.69 -7.33
CA PRO A 267 6.53 -39.68 -8.14
C PRO A 267 5.56 -40.81 -8.56
N LYS A 268 4.54 -41.08 -7.75
CA LYS A 268 3.55 -42.16 -7.98
C LYS A 268 2.28 -41.77 -7.23
N PRO A 269 1.07 -42.26 -7.60
CA PRO A 269 -0.12 -41.92 -6.82
C PRO A 269 0.09 -42.43 -5.38
N LEU A 270 -0.51 -41.74 -4.40
CA LEU A 270 -0.47 -42.14 -2.97
C LEU A 270 -1.75 -42.90 -2.63
N THR A 271 -1.67 -43.79 -1.65
CA THR A 271 -2.80 -44.48 -0.98
C THR A 271 -2.71 -44.14 0.50
N LEU A 272 -3.75 -43.57 1.08
CA LEU A 272 -3.81 -43.27 2.54
C LEU A 272 -4.89 -44.16 3.15
N ARG A 273 -4.64 -44.64 4.37
CA ARG A 273 -5.57 -45.50 5.16
C ARG A 273 -5.61 -44.91 6.58
N TRP A 274 -6.75 -44.99 7.27
CA TRP A 274 -6.86 -44.55 8.69
C TRP A 274 -6.00 -45.49 9.53
N GLU A 275 -5.11 -44.93 10.35
CA GLU A 275 -4.15 -45.71 11.19
C GLU A 275 -4.49 -45.50 12.66
N PRO A 276 -5.23 -46.43 13.30
CA PRO A 276 -5.58 -46.29 14.71
C PRO A 276 -4.33 -45.90 15.53
N MET B 1 -30.27 -13.79 -18.55
CA MET B 1 -29.63 -13.58 -17.22
C MET B 1 -29.57 -14.91 -16.44
N ILE B 2 -28.38 -15.50 -16.33
CA ILE B 2 -28.13 -16.69 -15.45
C ILE B 2 -27.45 -16.20 -14.16
N GLN B 3 -28.08 -16.45 -13.02
CA GLN B 3 -27.48 -16.18 -11.67
C GLN B 3 -27.06 -17.51 -11.03
N ARG B 4 -25.94 -17.54 -10.31
CA ARG B 4 -25.49 -18.74 -9.58
C ARG B 4 -25.06 -18.34 -8.17
N THR B 5 -25.43 -19.11 -7.15
CA THR B 5 -25.18 -18.76 -5.73
C THR B 5 -23.73 -19.09 -5.37
N PRO B 6 -23.03 -18.29 -4.55
CA PRO B 6 -21.63 -18.61 -4.24
C PRO B 6 -21.49 -19.87 -3.34
N LYS B 7 -20.45 -20.65 -3.57
CA LYS B 7 -19.95 -21.68 -2.64
C LYS B 7 -18.94 -20.95 -1.74
N ILE B 8 -18.97 -21.24 -0.46
CA ILE B 8 -18.15 -20.53 0.54
C ILE B 8 -17.29 -21.55 1.27
N GLN B 9 -16.01 -21.26 1.38
CA GLN B 9 -15.10 -22.00 2.27
C GLN B 9 -14.33 -21.02 3.14
N VAL B 10 -14.28 -21.30 4.42
CA VAL B 10 -13.54 -20.51 5.41
C VAL B 10 -12.46 -21.41 5.98
N TYR B 11 -11.21 -21.00 5.92
CA TYR B 11 -10.06 -21.87 6.28
C TYR B 11 -8.85 -21.01 6.51
N SER B 12 -7.81 -21.56 7.14
CA SER B 12 -6.57 -20.80 7.36
C SER B 12 -5.57 -21.23 6.30
N ARG B 13 -4.65 -20.34 5.92
CA ARG B 13 -3.59 -20.63 4.94
C ARG B 13 -2.72 -21.76 5.47
N HIS B 14 -2.37 -21.70 6.76
CA HIS B 14 -1.53 -22.72 7.43
C HIS B 14 -2.37 -23.42 8.48
N PRO B 15 -2.00 -24.66 8.87
CA PRO B 15 -2.63 -25.31 10.01
C PRO B 15 -2.58 -24.37 11.21
N ALA B 16 -3.71 -24.20 11.88
CA ALA B 16 -3.89 -23.21 12.96
C ALA B 16 -3.14 -23.63 14.22
N GLU B 17 -2.41 -22.70 14.83
CA GLU B 17 -1.76 -22.86 16.16
C GLU B 17 -1.93 -21.55 16.95
N ASN B 18 -2.41 -21.65 18.19
CA ASN B 18 -2.64 -20.49 19.09
C ASN B 18 -1.34 -19.67 19.23
N GLY B 19 -1.43 -18.35 18.99
CA GLY B 19 -0.31 -17.38 19.10
C GLY B 19 0.72 -17.49 17.97
N LYS B 20 0.41 -18.24 16.92
CA LYS B 20 1.19 -18.26 15.66
C LYS B 20 0.42 -17.47 14.58
N SER B 21 1.10 -16.48 13.99
CA SER B 21 0.57 -15.61 12.92
C SER B 21 0.27 -16.47 11.71
N ASN B 22 -0.88 -16.22 11.08
CA ASN B 22 -1.52 -17.08 10.07
C ASN B 22 -2.37 -16.14 9.20
N PHE B 23 -3.04 -16.67 8.17
CA PHE B 23 -4.03 -15.91 7.35
C PHE B 23 -5.35 -16.64 7.39
N LEU B 24 -6.43 -15.92 7.69
CA LEU B 24 -7.84 -16.37 7.59
C LEU B 24 -8.34 -16.08 6.19
N ASN B 25 -8.87 -17.08 5.53
CA ASN B 25 -9.31 -17.00 4.11
C ASN B 25 -10.80 -17.25 4.08
N CYS B 26 -11.46 -16.52 3.21
CA CYS B 26 -12.83 -16.81 2.79
C CYS B 26 -12.85 -16.84 1.27
N TYR B 27 -12.94 -18.05 0.71
CA TYR B 27 -12.98 -18.31 -0.73
C TYR B 27 -14.44 -18.46 -1.19
N VAL B 28 -14.86 -17.61 -2.12
CA VAL B 28 -16.20 -17.62 -2.74
C VAL B 28 -16.01 -17.98 -4.22
N SER B 29 -16.78 -18.94 -4.70
CA SER B 29 -16.62 -19.48 -6.08
C SER B 29 -17.98 -19.83 -6.64
N GLY B 30 -18.07 -20.02 -7.96
CA GLY B 30 -19.26 -20.53 -8.67
C GLY B 30 -20.36 -19.50 -8.79
N PHE B 31 -20.09 -18.19 -8.61
CA PHE B 31 -21.21 -17.23 -8.47
C PHE B 31 -21.29 -16.37 -9.72
N HIS B 32 -22.49 -15.87 -9.97
CA HIS B 32 -22.83 -14.95 -11.09
C HIS B 32 -24.09 -14.21 -10.71
N PRO B 33 -24.22 -12.88 -10.90
CA PRO B 33 -23.14 -12.03 -11.42
C PRO B 33 -22.01 -11.77 -10.40
N SER B 34 -21.06 -10.92 -10.74
CA SER B 34 -19.77 -10.80 -10.03
C SER B 34 -19.90 -9.93 -8.75
N ASP B 35 -20.90 -9.07 -8.64
CA ASP B 35 -20.98 -8.21 -7.43
C ASP B 35 -21.34 -9.09 -6.23
N ILE B 36 -20.53 -9.00 -5.21
CA ILE B 36 -20.65 -9.86 -4.00
C ILE B 36 -20.11 -9.04 -2.83
N GLU B 37 -20.74 -9.14 -1.65
CA GLU B 37 -20.22 -8.55 -0.39
C GLU B 37 -19.63 -9.65 0.50
N VAL B 38 -18.35 -9.58 0.78
CA VAL B 38 -17.67 -10.56 1.66
C VAL B 38 -17.08 -9.80 2.85
N ASP B 39 -17.53 -10.11 4.05
CA ASP B 39 -16.92 -9.60 5.32
C ASP B 39 -16.26 -10.77 6.07
N LEU B 40 -15.08 -10.55 6.66
CA LEU B 40 -14.53 -11.48 7.65
C LEU B 40 -14.91 -10.98 9.03
N LEU B 41 -15.40 -11.89 9.88
CA LEU B 41 -15.90 -11.57 11.24
C LEU B 41 -14.95 -12.15 12.28
N LYS B 42 -14.68 -11.37 13.33
CA LYS B 42 -14.07 -11.82 14.61
C LYS B 42 -15.06 -11.58 15.74
N ASN B 43 -15.48 -12.66 16.39
CA ASN B 43 -16.47 -12.62 17.51
C ASN B 43 -17.72 -11.85 17.06
N GLY B 44 -18.14 -12.08 15.81
CA GLY B 44 -19.40 -11.57 15.24
C GLY B 44 -19.30 -10.17 14.61
N GLU B 45 -18.14 -9.54 14.69
CA GLU B 45 -17.92 -8.12 14.34
C GLU B 45 -17.01 -8.05 13.11
N ARG B 46 -17.33 -7.20 12.12
CA ARG B 46 -16.55 -7.06 10.85
C ARG B 46 -15.10 -6.64 11.15
N ILE B 47 -14.14 -7.36 10.60
CA ILE B 47 -12.71 -6.99 10.57
C ILE B 47 -12.57 -5.88 9.52
N GLU B 48 -12.08 -4.69 9.91
CA GLU B 48 -12.07 -3.47 9.06
C GLU B 48 -11.19 -3.68 7.82
N LYS B 49 -9.98 -4.20 8.04
CA LYS B 49 -8.86 -4.16 7.04
C LYS B 49 -8.67 -5.57 6.48
N VAL B 50 -9.35 -5.88 5.39
CA VAL B 50 -9.26 -7.21 4.73
C VAL B 50 -8.79 -7.00 3.30
N GLU B 51 -8.07 -7.97 2.75
CA GLU B 51 -7.53 -7.91 1.39
C GLU B 51 -8.33 -8.85 0.49
N HIS B 52 -8.24 -8.74 -0.82
CA HIS B 52 -8.90 -9.73 -1.73
C HIS B 52 -8.04 -9.94 -2.97
N SER B 53 -8.21 -11.07 -3.60
CA SER B 53 -7.62 -11.39 -4.92
C SER B 53 -8.31 -10.55 -6.01
N ASP B 54 -7.78 -10.60 -7.21
CA ASP B 54 -8.35 -9.98 -8.44
C ASP B 54 -9.43 -10.94 -8.98
N LEU B 55 -10.62 -10.43 -9.22
CA LEU B 55 -11.76 -11.19 -9.78
C LEU B 55 -11.32 -11.92 -11.04
N SER B 56 -11.52 -13.20 -11.04
CA SER B 56 -11.29 -14.04 -12.22
C SER B 56 -12.42 -15.07 -12.32
N PHE B 57 -12.37 -15.93 -13.31
CA PHE B 57 -13.50 -16.88 -13.54
C PHE B 57 -13.00 -18.18 -14.12
N SER B 58 -13.83 -19.22 -13.97
CA SER B 58 -13.53 -20.62 -14.34
C SER B 58 -14.04 -20.86 -15.77
N LYS B 59 -13.80 -22.04 -16.31
CA LYS B 59 -14.20 -22.38 -17.70
C LYS B 59 -15.70 -22.13 -17.91
N ASP B 60 -16.54 -22.39 -16.89
CA ASP B 60 -18.02 -22.26 -16.97
C ASP B 60 -18.48 -20.81 -16.76
N TRP B 61 -17.53 -19.86 -16.67
CA TRP B 61 -17.77 -18.38 -16.61
C TRP B 61 -18.05 -17.92 -15.18
N SER B 62 -18.13 -18.82 -14.20
CA SER B 62 -18.47 -18.49 -12.79
C SER B 62 -17.25 -17.87 -12.10
N PHE B 63 -17.50 -16.90 -11.24
CA PHE B 63 -16.44 -16.07 -10.67
C PHE B 63 -15.85 -16.77 -9.44
N TYR B 64 -14.67 -16.33 -9.07
CA TYR B 64 -14.05 -16.68 -7.79
C TYR B 64 -13.19 -15.52 -7.25
N LEU B 65 -13.24 -15.37 -5.93
CA LEU B 65 -12.48 -14.36 -5.18
C LEU B 65 -11.96 -15.02 -3.90
N LEU B 66 -10.81 -14.60 -3.43
CA LEU B 66 -10.32 -14.91 -2.08
C LEU B 66 -10.29 -13.62 -1.27
N TYR B 67 -10.98 -13.58 -0.14
CA TYR B 67 -10.83 -12.54 0.91
C TYR B 67 -9.91 -13.09 2.02
N TYR B 68 -8.96 -12.28 2.49
CA TYR B 68 -7.99 -12.75 3.51
C TYR B 68 -7.54 -11.59 4.41
N THR B 69 -7.09 -11.94 5.60
CA THR B 69 -6.43 -11.02 6.55
C THR B 69 -5.41 -11.81 7.37
N GLU B 70 -4.29 -11.17 7.69
CA GLU B 70 -3.33 -11.66 8.69
C GLU B 70 -4.07 -11.71 10.02
N PHE B 71 -3.90 -12.77 10.79
CA PHE B 71 -4.48 -12.92 12.15
C PHE B 71 -3.65 -13.91 12.95
N THR B 72 -3.69 -13.76 14.29
CA THR B 72 -3.15 -14.72 15.28
C THR B 72 -4.30 -15.38 16.01
N PRO B 73 -4.62 -16.65 15.70
CA PRO B 73 -5.68 -17.36 16.42
C PRO B 73 -5.31 -17.69 17.88
N THR B 74 -6.33 -17.78 18.74
CA THR B 74 -6.29 -18.21 20.17
C THR B 74 -7.41 -19.25 20.41
N GLU B 75 -7.41 -19.92 21.56
CA GLU B 75 -8.46 -20.96 21.87
C GLU B 75 -9.86 -20.32 21.87
N LYS B 76 -9.97 -19.13 22.44
CA LYS B 76 -11.28 -18.45 22.71
C LYS B 76 -11.86 -17.85 21.41
N ASP B 77 -11.06 -17.08 20.66
CA ASP B 77 -11.51 -16.22 19.53
C ASP B 77 -12.21 -17.06 18.48
N GLU B 78 -13.32 -16.56 17.92
CA GLU B 78 -14.09 -17.21 16.83
C GLU B 78 -14.18 -16.28 15.61
N TYR B 79 -14.17 -16.90 14.44
CA TYR B 79 -14.02 -16.22 13.13
C TYR B 79 -15.06 -16.81 12.19
N ALA B 80 -15.57 -15.98 11.29
CA ALA B 80 -16.53 -16.41 10.26
C ALA B 80 -16.36 -15.54 9.02
N CYS B 81 -17.02 -15.98 7.96
CA CYS B 81 -17.12 -15.26 6.69
C CYS B 81 -18.61 -15.01 6.44
N ARG B 82 -18.98 -13.74 6.19
CA ARG B 82 -20.39 -13.31 5.97
C ARG B 82 -20.51 -12.89 4.51
N VAL B 83 -21.41 -13.50 3.76
CA VAL B 83 -21.48 -13.31 2.28
C VAL B 83 -22.90 -12.89 1.92
N ASN B 84 -23.02 -11.81 1.15
CA ASN B 84 -24.30 -11.43 0.51
C ASN B 84 -24.09 -11.31 -0.99
N HIS B 85 -25.11 -11.68 -1.73
CA HIS B 85 -25.15 -11.81 -3.19
C HIS B 85 -26.62 -11.67 -3.61
N VAL B 86 -26.87 -11.27 -4.85
CA VAL B 86 -28.27 -11.02 -5.28
C VAL B 86 -29.08 -12.34 -5.13
N THR B 87 -28.42 -13.51 -5.18
CA THR B 87 -29.08 -14.85 -5.06
C THR B 87 -29.45 -15.19 -3.61
N LEU B 88 -29.02 -14.37 -2.64
CA LEU B 88 -29.18 -14.66 -1.20
C LEU B 88 -30.13 -13.62 -0.60
N SER B 89 -31.23 -14.06 0.00
CA SER B 89 -32.26 -13.19 0.60
C SER B 89 -31.70 -12.51 1.85
N GLN B 90 -30.74 -13.13 2.52
CA GLN B 90 -29.96 -12.45 3.58
C GLN B 90 -28.55 -13.01 3.61
N PRO B 91 -27.63 -12.29 4.28
CA PRO B 91 -26.24 -12.75 4.35
C PRO B 91 -26.17 -14.19 4.86
N LYS B 92 -25.24 -14.97 4.32
CA LYS B 92 -24.91 -16.34 4.77
C LYS B 92 -23.63 -16.27 5.62
N ILE B 93 -23.65 -16.85 6.81
CA ILE B 93 -22.46 -16.83 7.69
C ILE B 93 -21.89 -18.24 7.76
N VAL B 94 -20.64 -18.40 7.39
CA VAL B 94 -19.93 -19.70 7.51
C VAL B 94 -18.84 -19.54 8.57
N LYS B 95 -18.95 -20.30 9.65
CA LYS B 95 -17.99 -20.27 10.79
C LYS B 95 -16.73 -20.99 10.40
N TRP B 96 -15.61 -20.47 10.83
CA TRP B 96 -14.28 -21.11 10.69
C TRP B 96 -14.23 -22.28 11.66
N ASP B 97 -13.89 -23.43 11.15
CA ASP B 97 -13.72 -24.67 11.93
C ASP B 97 -12.31 -25.17 11.64
N ARG B 98 -11.44 -25.18 12.64
CA ARG B 98 -9.98 -25.49 12.49
C ARG B 98 -9.74 -26.81 11.72
N ASP B 99 -10.69 -27.76 11.74
CA ASP B 99 -10.58 -29.12 11.11
C ASP B 99 -11.41 -29.17 9.82
N MET B 100 -11.49 -28.03 9.09
CA MET B 100 -12.09 -27.93 7.73
C MET B 100 -11.44 -26.76 6.97
N TYR C 1 1.56 -11.18 -22.62
CA TYR C 1 1.63 -10.20 -23.77
C TYR C 1 0.27 -10.14 -24.47
N LEU C 2 -0.48 -9.05 -24.27
CA LEU C 2 -1.87 -8.90 -24.79
C LEU C 2 -1.84 -8.86 -26.32
N GLN C 3 -2.94 -9.25 -26.95
CA GLN C 3 -3.23 -9.03 -28.42
C GLN C 3 -3.07 -7.54 -28.77
N LEU C 4 -2.52 -7.28 -29.95
CA LEU C 4 -2.23 -5.94 -30.53
C LEU C 4 -3.52 -5.32 -31.09
N ARG C 5 -4.41 -6.14 -31.60
CA ARG C 5 -5.60 -5.64 -32.36
C ARG C 5 -6.81 -5.63 -31.46
N THR C 6 -7.81 -4.89 -31.90
CA THR C 6 -9.14 -4.68 -31.27
C THR C 6 -10.21 -5.27 -32.19
N PHE C 7 -11.04 -6.17 -31.70
CA PHE C 7 -12.21 -6.68 -32.48
C PHE C 7 -13.48 -6.43 -31.67
N LEU C 8 -14.53 -5.97 -32.33
CA LEU C 8 -15.77 -5.53 -31.67
C LEU C 8 -16.89 -6.53 -31.94
N LEU C 9 -17.63 -6.90 -30.90
CA LEU C 9 -18.85 -7.75 -31.02
C LEU C 9 -19.86 -7.05 -31.91
N GLY D 1 9.20 32.34 26.58
CA GLY D 1 9.28 32.28 25.12
C GLY D 1 7.89 32.22 24.53
N SER D 2 7.78 32.52 23.24
CA SER D 2 6.56 32.30 22.44
C SER D 2 6.37 30.79 22.16
N HIS D 3 5.17 30.41 21.75
CA HIS D 3 4.77 28.99 21.61
C HIS D 3 3.85 28.88 20.41
N SER D 4 3.76 27.69 19.82
CA SER D 4 2.88 27.40 18.66
C SER D 4 2.24 26.02 18.82
N MET D 5 1.09 25.85 18.22
CA MET D 5 0.49 24.53 17.96
C MET D 5 0.30 24.43 16.47
N ARG D 6 0.65 23.30 15.90
CA ARG D 6 0.61 23.07 14.44
C ARG D 6 0.11 21.65 14.22
N TYR D 7 -0.74 21.50 13.22
CA TYR D 7 -1.12 20.20 12.65
C TYR D 7 -0.72 20.18 11.19
N PHE D 8 -0.16 19.04 10.78
CA PHE D 8 0.35 18.76 9.44
C PHE D 8 -0.35 17.50 8.93
N PHE D 9 -1.06 17.64 7.83
CA PHE D 9 -1.84 16.57 7.18
C PHE D 9 -1.28 16.32 5.79
N THR D 10 -1.02 15.06 5.47
CA THR D 10 -0.56 14.57 4.15
C THR D 10 -1.52 13.47 3.67
N SER D 11 -2.08 13.65 2.48
CA SER D 11 -2.96 12.65 1.83
C SER D 11 -2.40 12.33 0.44
N VAL D 12 -2.10 11.05 0.16
CA VAL D 12 -1.42 10.59 -1.09
C VAL D 12 -2.32 9.59 -1.82
N SER D 13 -2.64 9.84 -3.10
CA SER D 13 -3.25 8.90 -4.07
C SER D 13 -2.44 7.61 -4.08
N ARG D 14 -3.06 6.50 -4.40
CA ARG D 14 -2.37 5.21 -4.68
C ARG D 14 -3.14 4.49 -5.78
N PRO D 15 -2.89 4.83 -7.07
CA PRO D 15 -3.58 4.17 -8.20
C PRO D 15 -3.51 2.63 -8.20
N GLY D 16 -2.53 2.04 -7.54
CA GLY D 16 -2.54 0.57 -7.32
C GLY D 16 -3.74 0.14 -6.48
N ARG D 17 -3.98 0.86 -5.39
CA ARG D 17 -4.72 0.39 -4.21
C ARG D 17 -6.19 0.87 -4.30
N GLY D 18 -6.40 2.16 -4.55
CA GLY D 18 -7.74 2.78 -4.64
C GLY D 18 -8.19 3.47 -3.33
N GLU D 19 -7.36 3.44 -2.28
CA GLU D 19 -7.56 4.20 -1.02
C GLU D 19 -6.33 5.08 -0.78
N PRO D 20 -6.48 6.37 -0.46
CA PRO D 20 -5.33 7.24 -0.16
C PRO D 20 -4.65 6.88 1.18
N ARG D 21 -3.37 7.18 1.30
CA ARG D 21 -2.62 7.16 2.56
C ARG D 21 -2.88 8.48 3.27
N PHE D 22 -3.24 8.45 4.54
CA PHE D 22 -3.52 9.70 5.28
C PHE D 22 -2.72 9.71 6.57
N ILE D 23 -1.89 10.72 6.74
CA ILE D 23 -1.06 10.86 7.95
C ILE D 23 -1.29 12.26 8.50
N ALA D 24 -1.55 12.34 9.79
CA ALA D 24 -1.71 13.58 10.54
C ALA D 24 -0.76 13.55 11.72
N VAL D 25 -0.07 14.65 11.95
CA VAL D 25 0.83 14.83 13.11
C VAL D 25 0.50 16.19 13.74
N GLY D 26 0.51 16.23 15.07
CA GLY D 26 0.38 17.47 15.85
C GLY D 26 1.64 17.79 16.60
N TYR D 27 2.02 19.05 16.61
CA TYR D 27 3.15 19.61 17.39
C TYR D 27 2.70 20.73 18.29
N VAL D 28 3.30 20.83 19.46
CA VAL D 28 3.40 22.08 20.26
C VAL D 28 4.88 22.44 20.23
N ASP D 29 5.23 23.62 19.72
CA ASP D 29 6.63 24.00 19.52
C ASP D 29 7.30 22.89 18.71
N ASP D 30 8.50 22.43 19.13
CA ASP D 30 9.23 21.40 18.37
C ASP D 30 8.96 20.01 18.98
N THR D 31 7.86 19.82 19.68
CA THR D 31 7.55 18.52 20.37
C THR D 31 6.32 17.92 19.69
N GLN D 32 6.46 16.82 18.94
CA GLN D 32 5.32 16.06 18.39
C GLN D 32 4.50 15.47 19.58
N PHE D 33 3.18 15.50 19.55
CA PHE D 33 2.36 15.02 20.68
C PHE D 33 1.26 14.02 20.23
N VAL D 34 0.81 14.06 18.95
CA VAL D 34 -0.17 13.08 18.43
C VAL D 34 0.19 12.65 17.00
N ARG D 35 -0.33 11.52 16.59
CA ARG D 35 -0.20 11.02 15.21
C ARG D 35 -1.46 10.24 14.84
N PHE D 36 -1.82 10.29 13.57
CA PHE D 36 -2.74 9.30 12.96
C PHE D 36 -2.14 8.83 11.64
N ASP D 37 -2.20 7.55 11.40
CA ASP D 37 -1.70 6.89 10.18
C ASP D 37 -2.79 5.93 9.71
N SER D 38 -3.41 6.23 8.58
CA SER D 38 -4.49 5.37 7.98
C SER D 38 -4.00 3.93 7.79
N ASP D 39 -2.71 3.72 7.55
CA ASP D 39 -2.16 2.35 7.32
C ASP D 39 -1.93 1.61 8.65
N ALA D 40 -2.04 2.26 9.81
CA ALA D 40 -1.63 1.64 11.10
C ALA D 40 -2.78 0.81 11.72
N ALA D 41 -2.41 -0.10 12.63
CA ALA D 41 -3.33 -1.06 13.26
C ALA D 41 -4.49 -0.30 13.91
N SER D 42 -4.19 0.75 14.68
CA SER D 42 -5.07 1.24 15.79
C SER D 42 -6.33 1.92 15.24
N GLN D 43 -6.25 2.59 14.09
CA GLN D 43 -7.27 3.57 13.55
C GLN D 43 -7.70 4.57 14.64
N ARG D 44 -6.80 5.00 15.53
CA ARG D 44 -7.07 6.03 16.58
C ARG D 44 -6.07 7.20 16.43
N MET D 45 -6.42 8.38 16.87
CA MET D 45 -5.39 9.40 17.17
C MET D 45 -4.57 8.84 18.35
N GLU D 46 -3.23 8.79 18.21
CA GLU D 46 -2.34 8.11 19.19
C GLU D 46 -1.45 9.16 19.85
N PRO D 47 -1.13 9.00 21.15
CA PRO D 47 -0.27 9.94 21.86
C PRO D 47 1.21 9.71 21.53
N ARG D 48 2.01 10.77 21.50
CA ARG D 48 3.46 10.66 21.23
C ARG D 48 4.27 11.53 22.21
N ALA D 49 3.66 12.03 23.28
CA ALA D 49 4.32 12.73 24.40
C ALA D 49 3.62 12.32 25.69
N PRO D 50 4.36 12.13 26.81
CA PRO D 50 3.74 11.75 28.09
C PRO D 50 2.61 12.69 28.56
N TRP D 51 2.78 13.99 28.42
CA TRP D 51 1.81 15.01 28.95
C TRP D 51 0.44 14.91 28.24
N ILE D 52 0.36 14.37 27.01
CA ILE D 52 -0.96 14.24 26.32
C ILE D 52 -1.63 12.94 26.75
N GLU D 53 -0.84 11.92 27.11
CA GLU D 53 -1.32 10.56 27.49
C GLU D 53 -2.29 10.67 28.69
N GLN D 54 -2.17 11.71 29.53
CA GLN D 54 -3.00 11.92 30.75
C GLN D 54 -4.41 12.41 30.37
N GLU D 55 -4.64 12.90 29.15
CA GLU D 55 -6.02 13.26 28.70
C GLU D 55 -6.89 12.01 28.73
N GLY D 56 -8.17 12.17 29.06
CA GLY D 56 -9.12 11.06 29.29
C GLY D 56 -9.69 10.51 27.97
N PRO D 57 -10.56 9.48 28.06
CA PRO D 57 -11.10 8.81 26.88
C PRO D 57 -11.94 9.74 25.97
N GLU D 58 -12.59 10.73 26.56
CA GLU D 58 -13.45 11.70 25.84
C GLU D 58 -12.59 12.48 24.85
N TYR D 59 -11.44 12.99 25.30
CA TYR D 59 -10.47 13.69 24.43
C TYR D 59 -10.07 12.76 23.25
N TRP D 60 -9.63 11.55 23.55
CA TRP D 60 -9.08 10.60 22.53
C TRP D 60 -10.17 10.16 21.51
N ASP D 61 -11.38 9.82 22.00
CA ASP D 61 -12.57 9.56 21.13
C ASP D 61 -12.80 10.76 20.20
N GLY D 62 -12.87 11.96 20.78
CA GLY D 62 -13.04 13.25 20.04
C GLY D 62 -11.99 13.45 18.97
N GLU D 63 -10.70 13.33 19.31
CA GLU D 63 -9.63 13.57 18.31
C GLU D 63 -9.69 12.50 17.22
N THR D 64 -10.04 11.27 17.56
CA THR D 64 -10.15 10.16 16.58
C THR D 64 -11.29 10.48 15.60
N ARG D 65 -12.44 10.89 16.10
CA ARG D 65 -13.58 11.22 15.22
C ARG D 65 -13.14 12.35 14.30
N LYS D 66 -12.43 13.36 14.83
CA LYS D 66 -12.16 14.57 14.01
C LYS D 66 -11.12 14.21 12.96
N VAL D 67 -10.11 13.46 13.32
CA VAL D 67 -9.00 13.16 12.37
C VAL D 67 -9.55 12.23 11.26
N LYS D 68 -10.52 11.37 11.57
CA LYS D 68 -11.25 10.56 10.55
C LYS D 68 -12.08 11.48 9.66
N ALA D 69 -12.69 12.54 10.21
CA ALA D 69 -13.45 13.53 9.40
C ALA D 69 -12.46 14.31 8.50
N HIS D 70 -11.26 14.67 8.98
CA HIS D 70 -10.22 15.35 8.16
C HIS D 70 -9.83 14.44 6.99
N SER D 71 -9.66 13.16 7.27
CA SER D 71 -9.28 12.14 6.28
C SER D 71 -10.34 12.08 5.16
N GLN D 72 -11.62 11.99 5.57
CA GLN D 72 -12.78 11.93 4.65
C GLN D 72 -12.74 13.18 3.74
N THR D 73 -12.52 14.37 4.28
CA THR D 73 -12.54 15.60 3.40
C THR D 73 -11.34 15.58 2.44
N HIS D 74 -10.13 15.21 2.88
CA HIS D 74 -8.92 15.08 2.00
C HIS D 74 -9.16 14.01 0.92
N ARG D 75 -9.90 12.94 1.23
CA ARG D 75 -10.22 11.86 0.27
C ARG D 75 -10.97 12.51 -0.90
N VAL D 76 -11.94 13.35 -0.61
CA VAL D 76 -12.78 13.96 -1.67
C VAL D 76 -11.95 15.08 -2.34
N ASP D 77 -11.12 15.78 -1.57
CA ASP D 77 -10.25 16.89 -2.07
C ASP D 77 -9.34 16.40 -3.22
N LEU D 78 -8.71 15.23 -3.07
CA LEU D 78 -7.85 14.59 -4.10
C LEU D 78 -8.61 14.47 -5.41
N GLY D 79 -9.87 13.99 -5.33
CA GLY D 79 -10.78 13.87 -6.48
C GLY D 79 -11.16 15.23 -7.05
N THR D 80 -11.54 16.18 -6.20
CA THR D 80 -11.89 17.55 -6.64
C THR D 80 -10.71 18.17 -7.45
N LEU D 81 -9.49 18.10 -6.92
CA LEU D 81 -8.30 18.78 -7.51
C LEU D 81 -7.92 18.10 -8.83
N ARG D 82 -8.06 16.79 -8.95
CA ARG D 82 -7.79 16.07 -10.23
C ARG D 82 -8.70 16.68 -11.30
N GLY D 83 -9.96 16.96 -10.92
CA GLY D 83 -10.94 17.67 -11.76
C GLY D 83 -10.50 19.07 -12.10
N TYR D 84 -10.21 19.90 -11.08
CA TYR D 84 -9.86 21.32 -11.31
C TYR D 84 -8.62 21.42 -12.21
N TYR D 85 -7.66 20.49 -12.12
CA TYR D 85 -6.37 20.54 -12.87
C TYR D 85 -6.39 19.63 -14.11
N ASN D 86 -7.52 18.98 -14.37
CA ASN D 86 -7.76 18.18 -15.60
C ASN D 86 -6.69 17.07 -15.70
N GLN D 87 -6.51 16.25 -14.66
CA GLN D 87 -5.42 15.22 -14.64
C GLN D 87 -5.99 13.82 -14.88
N SER D 88 -5.46 13.12 -15.87
CA SER D 88 -5.88 11.76 -16.25
C SER D 88 -4.81 10.77 -15.78
N GLU D 89 -3.77 10.55 -16.61
CA GLU D 89 -2.70 9.54 -16.39
C GLU D 89 -1.54 10.23 -15.67
N ALA D 90 -1.85 11.18 -14.79
CA ALA D 90 -0.86 11.95 -14.01
C ALA D 90 -0.39 11.15 -12.80
N GLY D 91 -0.80 9.87 -12.66
CA GLY D 91 -0.31 8.95 -11.60
C GLY D 91 -0.69 9.43 -10.18
N SER D 92 0.27 9.45 -9.27
CA SER D 92 0.08 9.62 -7.82
C SER D 92 0.09 11.12 -7.44
N HIS D 93 -0.82 11.60 -6.60
CA HIS D 93 -0.92 13.04 -6.21
C HIS D 93 -0.97 13.21 -4.68
N THR D 94 -0.56 14.37 -4.19
CA THR D 94 -0.47 14.69 -2.75
C THR D 94 -1.26 15.95 -2.44
N VAL D 95 -2.13 15.89 -1.43
CA VAL D 95 -2.71 17.11 -0.79
C VAL D 95 -2.09 17.25 0.58
N GLN D 96 -1.58 18.44 0.86
CA GLN D 96 -1.06 18.81 2.19
C GLN D 96 -1.92 19.94 2.76
N ARG D 97 -2.07 19.92 4.06
CA ARG D 97 -2.73 20.99 4.80
C ARG D 97 -1.99 21.21 6.09
N MET D 98 -1.85 22.47 6.47
CA MET D 98 -1.27 22.87 7.77
C MET D 98 -2.20 23.94 8.36
N TYR D 99 -2.41 23.88 9.66
CA TYR D 99 -3.08 24.96 10.41
C TYR D 99 -2.58 24.98 11.85
N GLY D 100 -2.76 26.13 12.46
CA GLY D 100 -2.57 26.34 13.89
C GLY D 100 -2.26 27.79 14.25
N CYS D 101 -1.80 27.99 15.47
CA CYS D 101 -1.71 29.31 16.08
C CYS D 101 -0.34 29.51 16.78
N ASP D 102 0.08 30.77 16.85
CA ASP D 102 1.26 31.24 17.61
C ASP D 102 0.77 32.07 18.78
N VAL D 103 1.45 32.00 19.92
CA VAL D 103 1.26 32.93 21.07
C VAL D 103 2.61 33.53 21.46
N GLY D 104 2.61 34.71 22.07
CA GLY D 104 3.83 35.38 22.59
C GLY D 104 4.19 34.84 23.96
N SER D 105 5.17 35.48 24.63
CA SER D 105 5.63 35.13 26.00
C SER D 105 4.50 35.36 27.00
N ASP D 106 3.61 36.29 26.70
CA ASP D 106 2.42 36.62 27.54
C ASP D 106 1.32 35.56 27.32
N TRP D 107 1.54 34.65 26.37
CA TRP D 107 0.60 33.61 25.87
C TRP D 107 -0.62 34.25 25.20
N ARG D 108 -0.51 35.49 24.69
CA ARG D 108 -1.53 36.17 23.84
C ARG D 108 -1.38 35.66 22.40
N PHE D 109 -2.50 35.60 21.67
CA PHE D 109 -2.55 35.26 20.23
C PHE D 109 -1.65 36.23 19.47
N LEU D 110 -0.77 35.70 18.63
CA LEU D 110 0.06 36.49 17.67
C LEU D 110 -0.49 36.27 16.26
N ARG D 111 -0.67 35.02 15.84
CA ARG D 111 -0.91 34.72 14.43
C ARG D 111 -1.59 33.35 14.29
N GLY D 112 -2.46 33.21 13.27
CA GLY D 112 -3.01 31.92 12.84
C GLY D 112 -2.66 31.60 11.40
N TYR D 113 -2.69 30.34 11.07
CA TYR D 113 -2.41 29.77 9.73
C TYR D 113 -3.44 28.72 9.40
N HIS D 114 -3.82 28.67 8.14
CA HIS D 114 -4.65 27.63 7.57
C HIS D 114 -4.36 27.62 6.08
N GLN D 115 -3.64 26.60 5.59
CA GLN D 115 -3.18 26.60 4.17
C GLN D 115 -3.02 25.19 3.60
N TYR D 116 -3.07 25.11 2.28
CA TYR D 116 -3.09 23.86 1.48
C TYR D 116 -2.08 23.92 0.37
N ALA D 117 -1.51 22.77 0.03
CA ALA D 117 -0.63 22.55 -1.14
C ALA D 117 -1.18 21.37 -1.95
N TYR D 118 -0.93 21.37 -3.25
CA TYR D 118 -1.22 20.26 -4.17
C TYR D 118 0.05 19.94 -4.95
N ASP D 119 0.50 18.69 -4.89
CA ASP D 119 1.70 18.18 -5.60
C ASP D 119 2.90 19.11 -5.38
N GLY D 120 3.16 19.51 -4.15
CA GLY D 120 4.42 20.17 -3.76
C GLY D 120 4.41 21.68 -3.97
N LYS D 121 3.26 22.28 -4.28
CA LYS D 121 3.16 23.74 -4.54
C LYS D 121 1.93 24.30 -3.83
N ASP D 122 1.94 25.59 -3.55
CA ASP D 122 0.83 26.31 -2.91
C ASP D 122 -0.46 26.07 -3.70
N TYR D 123 -1.58 25.92 -2.99
CA TYR D 123 -2.94 25.93 -3.61
C TYR D 123 -3.71 27.14 -3.06
N ILE D 124 -4.03 27.17 -1.77
CA ILE D 124 -4.79 28.30 -1.15
C ILE D 124 -4.34 28.44 0.29
N ALA D 125 -4.33 29.66 0.78
CA ALA D 125 -3.87 29.99 2.14
C ALA D 125 -4.73 31.13 2.66
N LEU D 126 -5.12 31.03 3.93
CA LEU D 126 -5.69 32.13 4.73
C LEU D 126 -4.61 33.16 4.96
N LYS D 127 -4.88 34.41 4.63
CA LYS D 127 -3.96 35.53 4.85
C LYS D 127 -3.86 35.79 6.34
N GLU D 128 -2.82 36.50 6.74
CA GLU D 128 -2.52 36.87 8.15
C GLU D 128 -3.73 37.57 8.82
N ASP D 129 -4.54 38.36 8.09
CA ASP D 129 -5.71 39.10 8.64
C ASP D 129 -6.82 38.08 9.02
N LEU D 130 -6.71 36.85 8.55
CA LEU D 130 -7.68 35.74 8.80
C LEU D 130 -9.10 36.13 8.30
N ARG D 131 -9.19 36.98 7.27
CA ARG D 131 -10.47 37.49 6.69
C ARG D 131 -10.51 37.29 5.18
N SER D 132 -9.42 36.88 4.58
CA SER D 132 -9.25 36.80 3.11
C SER D 132 -8.28 35.69 2.75
N TRP D 133 -8.29 35.31 1.48
CA TRP D 133 -7.62 34.14 0.92
C TRP D 133 -6.61 34.59 -0.16
N THR D 134 -5.47 33.94 -0.20
CA THR D 134 -4.57 33.90 -1.37
C THR D 134 -4.78 32.59 -2.12
N ALA D 135 -5.22 32.68 -3.35
CA ALA D 135 -5.31 31.57 -4.31
C ALA D 135 -4.08 31.59 -5.19
N ALA D 136 -3.30 30.53 -5.21
CA ALA D 136 -2.00 30.47 -5.90
C ALA D 136 -2.17 30.59 -7.44
N ASP D 137 -3.32 30.17 -7.98
CA ASP D 137 -3.55 30.01 -9.43
C ASP D 137 -5.05 30.08 -9.72
N MET D 138 -5.42 29.86 -10.98
CA MET D 138 -6.78 30.01 -11.54
C MET D 138 -7.74 28.98 -10.92
N ALA D 139 -7.29 27.74 -10.76
CA ALA D 139 -8.06 26.62 -10.17
C ALA D 139 -8.40 26.91 -8.70
N ALA D 140 -7.47 27.45 -7.92
CA ALA D 140 -7.68 27.78 -6.48
C ALA D 140 -8.66 28.94 -6.33
N GLN D 141 -8.88 29.73 -7.39
CA GLN D 141 -9.90 30.81 -7.47
C GLN D 141 -11.31 30.21 -7.28
N THR D 142 -11.55 29.00 -7.78
CA THR D 142 -12.83 28.26 -7.54
C THR D 142 -13.04 28.07 -6.03
N THR D 143 -12.05 27.55 -5.30
CA THR D 143 -12.18 27.26 -3.86
C THR D 143 -12.31 28.57 -3.07
N LYS D 144 -11.50 29.57 -3.42
CA LYS D 144 -11.59 30.94 -2.85
C LYS D 144 -13.04 31.44 -2.91
N HIS D 145 -13.64 31.52 -4.10
CA HIS D 145 -15.02 32.03 -4.38
C HIS D 145 -16.02 31.27 -3.49
N LYS D 146 -15.94 29.94 -3.49
CA LYS D 146 -16.81 29.03 -2.70
C LYS D 146 -16.67 29.39 -1.21
N TRP D 147 -15.45 29.55 -0.73
CA TRP D 147 -15.17 29.75 0.71
C TRP D 147 -15.54 31.17 1.15
N GLU D 148 -15.41 32.16 0.25
CA GLU D 148 -15.93 33.55 0.45
C GLU D 148 -17.47 33.52 0.51
N ALA D 149 -18.13 32.89 -0.45
CA ALA D 149 -19.62 32.80 -0.47
C ALA D 149 -20.11 32.21 0.87
N ALA D 150 -19.41 31.21 1.38
CA ALA D 150 -19.83 30.38 2.53
C ALA D 150 -19.32 30.97 3.86
N HIS D 151 -18.54 32.06 3.79
CA HIS D 151 -17.95 32.74 4.97
C HIS D 151 -17.12 31.74 5.80
N VAL D 152 -16.31 30.92 5.15
CA VAL D 152 -15.40 29.96 5.83
C VAL D 152 -14.35 30.71 6.68
N ALA D 153 -13.84 31.86 6.22
CA ALA D 153 -12.72 32.58 6.91
C ALA D 153 -13.14 32.88 8.34
N GLU D 154 -14.42 33.25 8.55
CA GLU D 154 -14.93 33.72 9.88
C GLU D 154 -14.97 32.49 10.85
N GLN D 155 -15.23 31.29 10.36
CA GLN D 155 -15.25 30.10 11.25
C GLN D 155 -13.81 29.64 11.53
N LEU D 156 -12.91 29.78 10.59
CA LEU D 156 -11.47 29.43 10.84
C LEU D 156 -10.89 30.44 11.84
N ARG D 157 -11.13 31.73 11.67
CA ARG D 157 -10.65 32.77 12.63
C ARG D 157 -11.11 32.44 14.05
N ALA D 158 -12.39 32.12 14.24
CA ALA D 158 -12.94 31.75 15.57
C ALA D 158 -12.06 30.65 16.19
N TYR D 159 -11.73 29.58 15.46
CA TYR D 159 -10.87 28.47 15.96
C TYR D 159 -9.45 28.98 16.24
N LEU D 160 -8.85 29.67 15.29
CA LEU D 160 -7.43 30.04 15.35
C LEU D 160 -7.16 31.06 16.48
N GLU D 161 -8.05 32.03 16.69
CA GLU D 161 -7.95 33.06 17.77
C GLU D 161 -8.55 32.56 19.09
N GLY D 162 -9.41 31.54 19.07
CA GLY D 162 -10.17 31.07 20.25
C GLY D 162 -9.70 29.68 20.68
N THR D 163 -10.42 28.62 20.26
CA THR D 163 -10.17 27.20 20.62
C THR D 163 -8.64 26.85 20.51
N CYS D 164 -7.97 27.19 19.41
CA CYS D 164 -6.57 26.78 19.13
C CYS D 164 -5.66 27.31 20.25
N VAL D 165 -5.84 28.57 20.59
CA VAL D 165 -5.06 29.28 21.64
C VAL D 165 -5.41 28.68 23.00
N GLU D 166 -6.71 28.43 23.26
CA GLU D 166 -7.20 27.90 24.56
C GLU D 166 -6.58 26.51 24.80
N TRP D 167 -6.53 25.64 23.79
CA TRP D 167 -6.01 24.26 23.97
C TRP D 167 -4.46 24.29 24.01
N LEU D 168 -3.81 25.15 23.23
CA LEU D 168 -2.34 25.31 23.30
C LEU D 168 -1.95 25.70 24.75
N ARG D 169 -2.68 26.66 25.36
CA ARG D 169 -2.43 27.09 26.76
C ARG D 169 -2.61 25.91 27.71
N ARG D 170 -3.65 25.12 27.51
CA ARG D 170 -3.92 23.94 28.38
C ARG D 170 -2.75 22.97 28.27
N TYR D 171 -2.27 22.70 27.03
CA TYR D 171 -1.17 21.77 26.74
C TYR D 171 0.12 22.30 27.41
N LEU D 172 0.39 23.60 27.27
CA LEU D 172 1.63 24.24 27.85
C LEU D 172 1.61 24.10 29.37
N GLU D 173 0.46 24.35 30.00
CA GLU D 173 0.32 24.21 31.48
C GLU D 173 0.43 22.73 31.85
N ASN D 174 -0.26 21.83 31.16
CA ASN D 174 -0.25 20.38 31.51
C ASN D 174 1.14 19.78 31.22
N GLY D 175 1.78 20.19 30.13
CA GLY D 175 3.11 19.72 29.69
C GLY D 175 4.28 20.57 30.25
N LYS D 176 4.04 21.39 31.28
CA LYS D 176 4.97 22.41 31.79
C LYS D 176 6.43 21.90 31.77
N GLU D 177 6.71 20.72 32.34
CA GLU D 177 8.13 20.31 32.57
C GLU D 177 8.85 20.04 31.22
N THR D 178 8.12 19.69 30.17
CA THR D 178 8.64 19.38 28.81
C THR D 178 8.61 20.66 27.95
N LEU D 179 7.46 21.32 27.92
CA LEU D 179 7.14 22.36 26.92
C LEU D 179 7.62 23.72 27.40
N GLN D 180 7.51 24.01 28.70
CA GLN D 180 7.95 25.32 29.23
C GLN D 180 9.39 25.16 29.70
N ARG D 181 10.27 24.58 28.88
CA ARG D 181 11.70 24.40 29.15
C ARG D 181 12.50 25.02 27.98
N THR D 182 13.73 25.43 28.26
CA THR D 182 14.82 25.66 27.28
C THR D 182 16.03 24.85 27.76
N ASP D 183 16.65 24.12 26.84
CA ASP D 183 17.98 23.50 27.01
C ASP D 183 18.97 24.30 26.16
N ALA D 184 19.91 24.99 26.83
CA ALA D 184 20.97 25.80 26.16
C ALA D 184 21.87 24.84 25.40
N PRO D 185 22.37 25.22 24.21
CA PRO D 185 23.26 24.35 23.46
C PRO D 185 24.55 24.07 24.23
N LYS D 186 25.04 22.85 24.13
CA LYS D 186 26.43 22.49 24.50
C LYS D 186 27.29 22.72 23.26
N THR D 187 28.25 23.64 23.38
CA THR D 187 29.00 24.22 22.24
C THR D 187 30.45 23.83 22.37
N HIS D 188 31.09 23.48 21.26
CA HIS D 188 32.58 23.35 21.21
C HIS D 188 33.03 23.67 19.80
N MET D 189 34.34 23.90 19.64
CA MET D 189 34.98 24.17 18.35
C MET D 189 36.01 23.07 18.08
N THR D 190 36.05 22.59 16.84
CA THR D 190 37.09 21.64 16.35
C THR D 190 37.96 22.34 15.31
N HIS D 191 39.14 21.79 15.09
CA HIS D 191 40.16 22.27 14.14
C HIS D 191 40.70 21.05 13.38
N HIS D 192 40.64 21.08 12.04
CA HIS D 192 41.23 20.06 11.13
C HIS D 192 42.05 20.76 10.04
N ALA D 193 43.32 20.41 9.95
CA ALA D 193 44.21 20.74 8.80
C ALA D 193 43.58 20.17 7.51
N VAL D 194 43.13 21.05 6.61
CA VAL D 194 42.84 20.76 5.17
C VAL D 194 44.16 20.46 4.42
N SER D 195 45.12 21.39 4.43
CA SER D 195 46.48 21.27 3.85
C SER D 195 47.48 21.91 4.80
N ASP D 196 48.71 22.17 4.32
CA ASP D 196 49.72 23.09 4.95
C ASP D 196 49.16 24.51 5.03
N HIS D 197 48.25 24.89 4.10
CA HIS D 197 47.84 26.31 3.85
C HIS D 197 46.52 26.68 4.55
N GLU D 198 45.64 25.73 4.82
CA GLU D 198 44.25 26.03 5.28
C GLU D 198 43.89 25.13 6.45
N ALA D 199 43.01 25.60 7.35
CA ALA D 199 42.34 24.74 8.37
C ALA D 199 40.84 24.96 8.33
N THR D 200 40.06 23.94 8.71
CA THR D 200 38.59 24.08 8.89
C THR D 200 38.30 24.17 10.39
N LEU D 201 37.67 25.26 10.80
CA LEU D 201 37.16 25.45 12.16
C LEU D 201 35.69 25.14 12.10
N ARG D 202 35.21 24.25 12.96
CA ARG D 202 33.80 23.84 12.98
C ARG D 202 33.25 24.15 14.36
N CYS D 203 32.21 24.96 14.42
CA CYS D 203 31.50 25.37 15.64
C CYS D 203 30.25 24.48 15.83
N TRP D 204 30.18 23.75 16.93
CA TRP D 204 29.13 22.75 17.21
C TRP D 204 28.12 23.29 18.24
N ALA D 205 26.82 23.00 18.04
CA ALA D 205 25.78 23.18 19.06
C ALA D 205 25.01 21.86 19.21
N LEU D 206 25.00 21.29 20.42
CA LEU D 206 24.37 19.95 20.71
C LEU D 206 23.39 20.09 21.86
N SER D 207 22.40 19.20 21.89
CA SER D 207 21.41 18.99 22.98
C SER D 207 20.69 20.29 23.30
N PHE D 208 20.23 21.04 22.30
CA PHE D 208 19.47 22.29 22.57
C PHE D 208 17.98 22.07 22.25
N TYR D 209 17.13 22.84 22.93
CA TYR D 209 15.69 22.96 22.70
C TYR D 209 15.22 24.35 23.12
N PRO D 210 14.37 25.05 22.35
CA PRO D 210 13.84 24.60 21.07
C PRO D 210 14.84 24.58 19.90
N ALA D 211 14.37 24.26 18.70
CA ALA D 211 15.24 23.98 17.54
C ALA D 211 15.84 25.29 16.99
N GLU D 212 15.17 26.41 17.21
CA GLU D 212 15.56 27.74 16.69
C GLU D 212 16.96 28.13 17.26
N ILE D 213 17.91 28.46 16.40
CA ILE D 213 19.31 28.80 16.82
C ILE D 213 19.99 29.58 15.68
N THR D 214 20.95 30.43 16.02
CA THR D 214 21.79 31.14 15.01
C THR D 214 23.25 30.87 15.37
N LEU D 215 24.00 30.21 14.47
CA LEU D 215 25.48 30.11 14.53
C LEU D 215 26.07 31.02 13.43
N THR D 216 26.95 31.95 13.76
CA THR D 216 27.57 32.87 12.74
C THR D 216 29.05 33.00 13.04
N TRP D 217 29.86 33.17 11.99
CA TRP D 217 31.33 33.33 12.09
C TRP D 217 31.68 34.80 11.97
N GLN D 218 32.72 35.22 12.69
CA GLN D 218 33.31 36.57 12.57
C GLN D 218 34.83 36.46 12.45
N ARG D 219 35.42 37.44 11.76
CA ARG D 219 36.89 37.60 11.68
C ARG D 219 37.21 39.02 12.14
N ASP D 220 38.04 39.14 13.17
CA ASP D 220 38.37 40.43 13.85
C ASP D 220 37.05 41.15 14.24
N GLY D 221 36.07 40.42 14.77
CA GLY D 221 34.75 40.94 15.21
C GLY D 221 33.89 41.50 14.06
N GLU D 222 34.09 41.04 12.82
CA GLU D 222 33.31 41.45 11.63
C GLU D 222 32.68 40.21 11.00
N ASP D 223 31.42 40.31 10.56
CA ASP D 223 30.66 39.15 9.99
C ASP D 223 31.49 38.52 8.87
N GLN D 224 31.51 37.20 8.82
CA GLN D 224 32.29 36.42 7.83
C GLN D 224 31.36 35.36 7.24
N THR D 225 31.08 35.45 5.95
CA THR D 225 30.25 34.48 5.17
C THR D 225 31.12 33.77 4.10
N GLN D 226 32.11 34.44 3.53
CA GLN D 226 33.02 33.80 2.55
C GLN D 226 33.65 32.56 3.20
N ASP D 227 33.71 31.45 2.47
CA ASP D 227 34.45 30.22 2.85
C ASP D 227 33.79 29.56 4.09
N THR D 228 32.50 29.81 4.36
CA THR D 228 31.75 29.17 5.47
C THR D 228 30.78 28.12 4.93
N GLU D 229 30.39 27.14 5.76
CA GLU D 229 29.37 26.11 5.46
C GLU D 229 28.46 25.90 6.70
N LEU D 230 27.17 25.70 6.49
CA LEU D 230 26.13 25.67 7.58
C LEU D 230 25.14 24.53 7.30
N VAL D 231 25.10 23.45 8.13
CA VAL D 231 24.12 22.33 7.94
C VAL D 231 22.79 22.74 8.54
N GLU D 232 21.72 22.12 8.04
CA GLU D 232 20.35 22.21 8.57
C GLU D 232 20.36 21.70 10.01
N THR D 233 19.67 22.41 10.88
CA THR D 233 19.33 21.94 12.24
C THR D 233 18.68 20.56 12.12
N ARG D 234 19.07 19.63 12.97
CA ARG D 234 18.71 18.21 12.83
C ARG D 234 18.32 17.65 14.19
N PRO D 235 17.36 16.71 14.24
CA PRO D 235 16.88 16.16 15.50
C PRO D 235 17.90 15.17 16.07
N ALA D 236 18.13 15.23 17.38
CA ALA D 236 19.04 14.27 18.06
C ALA D 236 18.29 12.95 18.27
N GLY D 237 16.97 13.04 18.40
CA GLY D 237 16.09 11.86 18.58
C GLY D 237 15.67 11.68 20.03
N ASP D 238 16.09 12.58 20.91
CA ASP D 238 15.79 12.54 22.37
C ASP D 238 15.03 13.81 22.78
N GLY D 239 14.47 14.53 21.82
CA GLY D 239 13.73 15.77 22.07
C GLY D 239 14.65 17.00 22.02
N THR D 240 15.91 16.85 21.61
CA THR D 240 16.89 17.98 21.44
C THR D 240 17.35 18.05 20.00
N PHE D 241 18.07 19.12 19.64
CA PHE D 241 18.51 19.39 18.26
C PHE D 241 20.04 19.62 18.23
N GLN D 242 20.63 19.44 17.04
CA GLN D 242 22.06 19.66 16.74
C GLN D 242 22.20 20.57 15.55
N LYS D 243 23.29 21.34 15.48
CA LYS D 243 23.68 22.18 14.33
C LYS D 243 25.21 22.43 14.36
N TRP D 244 25.86 22.54 13.23
CA TRP D 244 27.22 23.11 13.14
C TRP D 244 27.39 24.09 12.01
N ALA D 245 28.44 24.89 12.12
CA ALA D 245 28.85 25.87 11.12
C ALA D 245 30.36 25.79 11.01
N ALA D 246 30.93 25.89 9.83
CA ALA D 246 32.39 25.78 9.62
C ALA D 246 32.90 26.92 8.73
N VAL D 247 34.18 27.24 8.88
CA VAL D 247 34.90 28.25 8.06
C VAL D 247 36.29 27.70 7.76
N VAL D 248 36.75 27.92 6.55
CA VAL D 248 38.09 27.49 6.07
C VAL D 248 38.97 28.72 6.11
N VAL D 249 40.03 28.67 6.90
CA VAL D 249 40.83 29.86 7.28
C VAL D 249 42.27 29.56 6.91
N PRO D 250 43.06 30.58 6.51
CA PRO D 250 44.49 30.42 6.31
C PRO D 250 45.17 29.95 7.60
N SER D 251 46.05 28.95 7.50
CA SER D 251 46.72 28.37 8.68
C SER D 251 47.58 29.47 9.30
N GLY D 252 47.60 29.56 10.62
CA GLY D 252 48.27 30.64 11.36
C GLY D 252 47.31 31.76 11.77
N GLN D 253 46.08 31.83 11.24
CA GLN D 253 45.14 32.98 11.50
C GLN D 253 43.88 32.49 12.23
N GLU D 254 43.91 31.27 12.80
CA GLU D 254 42.76 30.69 13.52
C GLU D 254 42.28 31.67 14.60
N GLN D 255 43.18 32.50 15.14
CA GLN D 255 42.92 33.37 16.31
C GLN D 255 42.00 34.52 15.95
N ARG D 256 41.83 34.82 14.67
CA ARG D 256 41.09 36.01 14.20
C ARG D 256 39.58 35.72 14.27
N TYR D 257 39.21 34.44 14.32
CA TYR D 257 37.84 33.95 14.02
C TYR D 257 37.12 33.65 15.32
N THR D 258 35.87 34.08 15.44
CA THR D 258 35.00 33.76 16.58
C THR D 258 33.72 33.15 16.01
N CYS D 259 33.16 32.16 16.68
CA CYS D 259 31.79 31.64 16.41
C CYS D 259 30.84 32.24 17.45
N HIS D 260 29.65 32.69 17.00
CA HIS D 260 28.65 33.41 17.83
C HIS D 260 27.34 32.57 17.82
N VAL D 261 26.90 32.16 19.01
CA VAL D 261 25.76 31.22 19.22
C VAL D 261 24.64 31.99 19.93
N GLN D 262 23.48 32.12 19.28
CA GLN D 262 22.27 32.77 19.87
C GLN D 262 21.19 31.70 20.02
N HIS D 263 20.61 31.60 21.20
CA HIS D 263 19.57 30.59 21.55
C HIS D 263 18.84 31.06 22.80
N GLU D 264 17.50 30.84 22.83
CA GLU D 264 16.57 31.31 23.87
C GLU D 264 17.04 30.82 25.23
N GLY D 265 17.76 29.70 25.28
CA GLY D 265 18.23 29.05 26.51
C GLY D 265 19.48 29.71 27.08
N LEU D 266 20.16 30.58 26.34
CA LEU D 266 21.38 31.28 26.82
C LEU D 266 21.00 32.61 27.46
N PRO D 267 21.49 32.92 28.66
CA PRO D 267 21.29 34.24 29.25
C PRO D 267 21.87 35.35 28.36
N LYS D 268 22.90 35.04 27.59
CA LYS D 268 23.58 35.98 26.69
C LYS D 268 24.18 35.16 25.55
N PRO D 269 24.31 35.70 24.33
CA PRO D 269 24.99 34.99 23.25
C PRO D 269 26.39 34.53 23.67
N LEU D 270 26.85 33.39 23.16
CA LEU D 270 28.24 32.87 23.41
C LEU D 270 29.14 33.26 22.25
N THR D 271 30.41 33.46 22.55
CA THR D 271 31.49 33.70 21.59
C THR D 271 32.52 32.62 21.84
N LEU D 272 32.81 31.79 20.84
CA LEU D 272 33.84 30.74 20.93
C LEU D 272 35.04 31.13 20.05
N ARG D 273 36.23 30.73 20.46
CA ARG D 273 37.53 31.01 19.75
C ARG D 273 38.29 29.68 19.71
N TRP D 274 39.07 29.44 18.67
CA TRP D 274 39.98 28.26 18.66
C TRP D 274 41.09 28.54 19.67
N GLU D 275 41.32 27.60 20.60
CA GLU D 275 42.37 27.72 21.65
C GLU D 275 43.63 27.04 21.15
N PRO D 276 44.79 27.77 21.07
CA PRO D 276 46.04 27.19 20.60
C PRO D 276 46.15 25.68 20.88
N MET E 1 3.28 19.51 -10.30
CA MET E 1 4.19 18.53 -9.67
C MET E 1 5.60 19.15 -9.53
N ILE E 2 5.96 19.58 -8.32
CA ILE E 2 7.33 19.97 -7.95
C ILE E 2 7.94 18.81 -7.17
N GLN E 3 9.05 18.28 -7.66
CA GLN E 3 9.88 17.27 -6.96
C GLN E 3 11.13 17.95 -6.39
N ARG E 4 11.60 17.47 -5.24
CA ARG E 4 12.81 17.97 -4.57
C ARG E 4 13.55 16.76 -4.03
N THR E 5 14.87 16.75 -4.16
CA THR E 5 15.73 15.60 -3.83
C THR E 5 16.02 15.67 -2.34
N PRO E 6 16.12 14.55 -1.62
CA PRO E 6 16.38 14.60 -0.19
C PRO E 6 17.79 15.10 0.15
N LYS E 7 17.89 15.92 1.19
CA LYS E 7 19.16 16.22 1.90
C LYS E 7 19.33 15.13 2.95
N ILE E 8 20.54 14.67 3.15
CA ILE E 8 20.81 13.47 4.00
C ILE E 8 21.88 13.83 5.00
N GLN E 9 21.66 13.53 6.29
CA GLN E 9 22.71 13.65 7.33
C GLN E 9 22.71 12.36 8.17
N VAL E 10 23.89 11.81 8.41
CA VAL E 10 24.10 10.62 9.27
C VAL E 10 24.97 11.02 10.44
N TYR E 11 24.54 10.76 11.66
CA TYR E 11 25.18 11.27 12.90
C TYR E 11 24.67 10.43 14.07
N SER E 12 25.30 10.55 15.22
CA SER E 12 24.88 9.81 16.42
C SER E 12 24.12 10.77 17.34
N ARG E 13 23.16 10.25 18.10
CA ARG E 13 22.35 11.05 19.06
C ARG E 13 23.28 11.67 20.09
N HIS E 14 24.27 10.92 20.63
CA HIS E 14 25.28 11.38 21.62
C HIS E 14 26.67 11.35 20.99
N PRO E 15 27.61 12.17 21.45
CA PRO E 15 28.98 12.12 20.92
C PRO E 15 29.54 10.70 21.09
N ALA E 16 30.08 10.12 20.02
CA ALA E 16 30.36 8.68 19.91
C ALA E 16 31.54 8.29 20.81
N GLU E 17 31.39 7.21 21.57
CA GLU E 17 32.46 6.62 22.43
C GLU E 17 32.45 5.10 22.27
N ASN E 18 33.58 4.51 21.90
CA ASN E 18 33.70 3.05 21.60
C ASN E 18 33.26 2.24 22.83
N GLY E 19 32.39 1.24 22.62
CA GLY E 19 31.91 0.32 23.66
C GLY E 19 30.75 0.90 24.44
N LYS E 20 30.32 2.14 24.12
CA LYS E 20 29.25 2.85 24.88
C LYS E 20 27.99 2.98 23.99
N SER E 21 26.85 2.56 24.55
CA SER E 21 25.54 2.46 23.85
C SER E 21 25.09 3.86 23.42
N ASN E 22 24.53 3.97 22.23
CA ASN E 22 24.26 5.28 21.53
C ASN E 22 23.14 5.01 20.51
N PHE E 23 22.73 6.02 19.73
CA PHE E 23 21.75 5.85 18.61
C PHE E 23 22.37 6.38 17.31
N LEU E 24 22.26 5.63 16.21
CA LEU E 24 22.64 6.06 14.84
C LEU E 24 21.41 6.66 14.17
N ASN E 25 21.56 7.86 13.64
CA ASN E 25 20.49 8.66 13.02
C ASN E 25 20.80 8.84 11.54
N CYS E 26 19.78 8.69 10.72
CA CYS E 26 19.76 9.22 9.35
C CYS E 26 18.57 10.16 9.18
N TYR E 27 18.84 11.45 9.03
CA TYR E 27 17.82 12.51 8.82
C TYR E 27 17.74 12.88 7.32
N VAL E 28 16.57 12.67 6.73
CA VAL E 28 16.24 13.06 5.32
C VAL E 28 15.19 14.19 5.34
N SER E 29 15.42 15.24 4.56
CA SER E 29 14.65 16.51 4.61
C SER E 29 14.63 17.14 3.22
N GLY E 30 13.69 18.06 3.00
CA GLY E 30 13.58 18.89 1.79
C GLY E 30 13.07 18.10 0.59
N PHE E 31 12.46 16.93 0.75
CA PHE E 31 12.11 16.07 -0.41
C PHE E 31 10.61 16.13 -0.69
N HIS E 32 10.23 15.87 -1.93
CA HIS E 32 8.84 15.80 -2.42
C HIS E 32 8.88 15.02 -3.72
N PRO E 33 7.98 14.03 -3.96
CA PRO E 33 6.93 13.66 -3.00
C PRO E 33 7.45 12.83 -1.81
N SER E 34 6.54 12.28 -0.99
CA SER E 34 6.87 11.75 0.35
C SER E 34 7.40 10.31 0.26
N ASP E 35 7.18 9.62 -0.84
CA ASP E 35 7.67 8.23 -0.95
C ASP E 35 9.20 8.21 -0.97
N ILE E 36 9.82 7.52 -0.01
CA ILE E 36 11.30 7.44 0.13
C ILE E 36 11.67 6.07 0.72
N GLU E 37 12.81 5.51 0.33
CA GLU E 37 13.41 4.28 0.94
C GLU E 37 14.65 4.69 1.77
N VAL E 38 14.67 4.35 3.06
CA VAL E 38 15.83 4.66 3.95
C VAL E 38 16.24 3.38 4.68
N ASP E 39 17.47 2.92 4.44
CA ASP E 39 18.11 1.80 5.17
C ASP E 39 19.35 2.33 5.91
N LEU E 40 19.60 1.83 7.11
CA LEU E 40 20.91 1.99 7.80
C LEU E 40 21.79 0.75 7.54
N LEU E 41 22.97 0.96 6.96
CA LEU E 41 23.61 -0.01 6.02
C LEU E 41 25.12 0.26 6.00
N LYS E 42 25.94 -0.79 5.90
CA LYS E 42 27.37 -0.73 5.41
C LYS E 42 27.79 -2.15 5.04
N ASN E 43 29.00 -2.22 4.52
CA ASN E 43 30.05 -3.26 4.69
C ASN E 43 30.09 -3.73 6.15
N GLY E 44 30.65 -2.91 7.05
CA GLY E 44 30.62 -3.13 8.50
C GLY E 44 29.36 -3.88 8.88
N GLU E 45 28.15 -3.38 8.48
CA GLU E 45 26.84 -3.98 8.89
C GLU E 45 25.62 -3.22 8.29
N ARG E 46 24.64 -3.97 7.72
CA ARG E 46 23.22 -3.55 7.42
C ARG E 46 22.27 -3.94 8.57
N ILE E 47 21.27 -3.11 8.90
CA ILE E 47 20.53 -3.19 10.20
C ILE E 47 19.03 -3.41 9.94
N GLU E 48 18.43 -4.40 10.60
CA GLU E 48 17.01 -4.83 10.39
C GLU E 48 16.05 -3.98 11.23
N LYS E 49 16.33 -3.77 12.53
CA LYS E 49 15.39 -3.09 13.47
C LYS E 49 15.58 -1.56 13.42
N VAL E 50 15.08 -0.92 12.37
CA VAL E 50 15.25 0.53 12.16
C VAL E 50 13.88 1.18 12.19
N GLU E 51 13.65 2.10 13.12
CA GLU E 51 12.37 2.82 13.26
C GLU E 51 12.51 4.19 12.59
N HIS E 52 11.40 4.85 12.28
CA HIS E 52 11.39 6.23 11.75
C HIS E 52 10.32 7.08 12.45
N SER E 53 10.52 8.40 12.46
CA SER E 53 9.52 9.39 12.94
C SER E 53 8.29 9.36 12.01
N ASP E 54 7.19 9.95 12.45
CA ASP E 54 5.94 10.13 11.65
C ASP E 54 6.17 11.21 10.57
N LEU E 55 5.68 10.97 9.37
CA LEU E 55 5.87 11.89 8.24
C LEU E 55 5.41 13.30 8.67
N SER E 56 6.27 14.30 8.52
CA SER E 56 5.88 15.71 8.71
C SER E 56 6.51 16.57 7.65
N PHE E 57 6.21 17.86 7.61
CA PHE E 57 6.75 18.74 6.54
C PHE E 57 7.00 20.15 7.05
N SER E 58 7.85 20.89 6.33
CA SER E 58 8.30 22.26 6.68
C SER E 58 7.38 23.26 5.99
N LYS E 59 7.56 24.53 6.28
CA LYS E 59 6.70 25.64 5.77
C LYS E 59 6.59 25.58 4.25
N ASP E 60 7.68 25.21 3.56
CA ASP E 60 7.79 25.18 2.08
C ASP E 60 7.19 23.87 1.51
N TRP E 61 6.59 23.04 2.36
CA TRP E 61 5.81 21.83 2.03
C TRP E 61 6.69 20.60 1.90
N SER E 62 8.00 20.74 2.03
CA SER E 62 8.99 19.64 1.81
C SER E 62 9.00 18.72 3.04
N PHE E 63 9.13 17.44 2.82
CA PHE E 63 8.96 16.43 3.88
C PHE E 63 10.24 16.27 4.71
N TYR E 64 10.12 15.66 5.91
CA TYR E 64 11.27 15.27 6.73
C TYR E 64 10.92 14.06 7.59
N LEU E 65 11.92 13.17 7.72
CA LEU E 65 11.89 11.87 8.46
C LEU E 65 13.24 11.67 9.17
N LEU E 66 13.23 11.22 10.41
CA LEU E 66 14.44 10.68 11.09
C LEU E 66 14.32 9.16 11.20
N TYR E 67 15.31 8.43 10.69
CA TYR E 67 15.51 6.97 10.87
C TYR E 67 16.62 6.74 11.91
N TYR E 68 16.42 5.81 12.83
CA TYR E 68 17.23 5.67 14.06
C TYR E 68 17.20 4.21 14.57
N THR E 69 18.25 3.84 15.29
CA THR E 69 18.51 2.47 15.79
C THR E 69 19.43 2.59 16.99
N GLU E 70 19.19 1.77 18.03
CA GLU E 70 20.19 1.56 19.11
C GLU E 70 21.43 0.93 18.50
N PHE E 71 22.63 1.36 18.87
CA PHE E 71 23.91 0.74 18.44
C PHE E 71 25.03 1.07 19.44
N THR E 72 26.02 0.18 19.55
CA THR E 72 27.28 0.39 20.29
C THR E 72 28.44 0.52 19.29
N PRO E 73 28.98 1.73 19.08
CA PRO E 73 30.12 1.90 18.18
C PRO E 73 31.43 1.30 18.72
N THR E 74 32.32 0.84 17.80
CA THR E 74 33.75 0.45 18.03
C THR E 74 34.61 1.17 16.98
N GLU E 75 35.93 1.24 17.19
CA GLU E 75 36.92 1.74 16.19
C GLU E 75 36.80 0.96 14.87
N LYS E 76 36.56 -0.36 14.97
CA LYS E 76 36.51 -1.33 13.84
C LYS E 76 35.26 -1.12 12.98
N ASP E 77 34.07 -1.08 13.60
CA ASP E 77 32.74 -0.90 12.95
C ASP E 77 32.82 0.12 11.80
N GLU E 78 31.93 0.01 10.81
CA GLU E 78 31.63 1.10 9.82
C GLU E 78 30.10 1.17 9.58
N TYR E 79 29.55 2.39 9.45
CA TYR E 79 28.09 2.62 9.30
C TYR E 79 27.82 3.65 8.20
N ALA E 80 26.67 3.50 7.53
CA ALA E 80 26.17 4.44 6.50
C ALA E 80 24.64 4.47 6.48
N CYS E 81 24.08 5.40 5.70
CA CYS E 81 22.64 5.51 5.40
C CYS E 81 22.46 5.42 3.89
N ARG E 82 21.53 4.57 3.41
CA ARG E 82 21.23 4.37 1.96
C ARG E 82 19.83 4.89 1.69
N VAL E 83 19.71 5.84 0.75
CA VAL E 83 18.44 6.56 0.46
C VAL E 83 18.13 6.42 -1.02
N ASN E 84 16.92 6.02 -1.35
CA ASN E 84 16.37 6.08 -2.74
C ASN E 84 15.07 6.90 -2.70
N HIS E 85 14.76 7.54 -3.82
CA HIS E 85 13.67 8.52 -4.02
C HIS E 85 13.48 8.65 -5.51
N VAL E 86 12.31 9.04 -5.99
CA VAL E 86 12.03 9.14 -7.45
C VAL E 86 13.08 10.06 -8.10
N THR E 87 13.61 11.05 -7.37
CA THR E 87 14.58 12.06 -7.90
C THR E 87 15.98 11.45 -8.03
N LEU E 88 16.21 10.26 -7.48
CA LEU E 88 17.53 9.57 -7.48
C LEU E 88 17.43 8.33 -8.35
N SER E 89 18.18 8.30 -9.45
CA SER E 89 18.22 7.18 -10.42
C SER E 89 18.90 5.98 -9.76
N GLN E 90 19.74 6.22 -8.76
CA GLN E 90 20.48 5.19 -8.01
C GLN E 90 20.45 5.52 -6.53
N PRO E 91 20.38 4.51 -5.62
CA PRO E 91 20.39 4.79 -4.19
C PRO E 91 21.65 5.59 -3.82
N LYS E 92 21.52 6.55 -2.90
CA LYS E 92 22.64 7.39 -2.43
C LYS E 92 23.09 6.92 -1.05
N ILE E 93 24.38 6.72 -0.87
CA ILE E 93 24.96 6.22 0.41
C ILE E 93 25.76 7.35 1.04
N VAL E 94 25.45 7.70 2.28
CA VAL E 94 26.28 8.65 3.07
C VAL E 94 26.92 7.86 4.22
N LYS E 95 28.24 7.90 4.31
CA LYS E 95 29.00 7.25 5.40
C LYS E 95 28.94 8.14 6.65
N TRP E 96 28.73 7.52 7.81
CA TRP E 96 28.91 8.13 9.15
C TRP E 96 30.38 8.50 9.38
N ASP E 97 30.63 9.75 9.76
CA ASP E 97 31.96 10.30 10.08
C ASP E 97 31.88 10.87 11.50
N ARG E 98 32.67 10.35 12.44
CA ARG E 98 32.53 10.61 13.92
C ARG E 98 32.51 12.12 14.23
N ASP E 99 33.12 12.97 13.38
CA ASP E 99 33.21 14.45 13.57
C ASP E 99 32.19 15.16 12.67
N MET E 100 30.98 14.57 12.53
CA MET E 100 29.94 15.05 11.60
C MET E 100 28.55 14.68 12.13
N TYR F 1 -5.63 19.99 19.74
CA TYR F 1 -7.14 19.91 19.57
C TYR F 1 -7.52 20.34 18.14
N LEU F 2 -7.97 19.36 17.35
CA LEU F 2 -8.29 19.51 15.93
C LEU F 2 -9.51 20.44 15.82
N GLN F 3 -9.66 21.13 14.72
CA GLN F 3 -10.90 21.87 14.40
C GLN F 3 -12.06 20.87 14.34
N LEU F 4 -13.22 21.29 14.80
CA LEU F 4 -14.44 20.43 14.76
C LEU F 4 -14.97 20.39 13.32
N ARG F 5 -14.96 21.52 12.60
CA ARG F 5 -15.48 21.62 11.22
C ARG F 5 -14.32 21.34 10.26
N THR F 6 -14.63 20.71 9.13
CA THR F 6 -13.70 20.55 7.98
C THR F 6 -14.44 21.17 6.80
N PHE F 7 -13.72 21.79 5.85
CA PHE F 7 -14.31 22.48 4.67
C PHE F 7 -13.74 21.86 3.42
N LEU F 8 -14.53 21.74 2.38
CA LEU F 8 -14.09 21.07 1.16
C LEU F 8 -13.47 22.09 0.21
N LEU F 9 -12.37 21.70 -0.43
CA LEU F 9 -11.79 22.44 -1.59
C LEU F 9 -12.85 22.52 -2.71
#